data_8POW
#
_entry.id   8POW
#
_cell.length_a   72.526
_cell.length_b   95.523
_cell.length_c   118.868
_cell.angle_alpha   90.00
_cell.angle_beta   90.00
_cell.angle_gamma   90.00
#
_symmetry.space_group_name_H-M   'P 21 21 21'
#
loop_
_entity.id
_entity.type
_entity.pdbx_description
1 polymer 'Uptake hydrogenase large subunit'
2 polymer 'Uptake hydrogenase small subunit'
3 non-polymer 'NI-FE OXIDIZED ACTIVE CENTER'
4 non-polymer 'MAGNESIUM ION'
5 non-polymer 'CHLORIDE ION'
6 non-polymer 'IRON/SULFUR CLUSTER'
7 non-polymer 'FE3-S4 CLUSTER'
8 non-polymer Fe4S4
9 water water
#
loop_
_entity_poly.entity_id
_entity_poly.type
_entity_poly.pdbx_seq_one_letter_code
_entity_poly.pdbx_strand_id
1 'polypeptide(L)'
;MSAYATQGFNLDDRGRRIVVDPVTRIEGHMRCEVNVDANNVIRNAVSTGTMWRGLEVILKGRDPRDAWAFVERICGVCTG
CHALASVRAVENALDIRIPKNAHLIREIMAKTLQVHDHAVHFYHLHALDWVDVMSALKADPKRTSELQQLVSPAHPLSSA
GYFRDIQNRLKRFVESGQLGPFMNGYWGSKAYVLPPEANLMAVTHYLEALDLQKEWVKIHTIFGGKNPHPNYLVGGVPCA
INLDGIGAASAPVNMERLSFVKARIDEIIEFNKNVYVPDVLAIGTLYKQAGWLYGGGLAATNVLDYGEYPNVAYNKSTDQ
LPGGAILNGNWDEVFPVDPRDSQQVQEFVSHSWYKYADESVGLHPWDGVTEPNYVLGANTKGTRTRIEQIDESAKYSWIK
SPRWRGHAMEVGPLSRYILAYAHARSGNKYAERPKEQLEYSAQMINSAIPKALGLPETQYTLKQLLPSTIGRTLARALES
QYCGEMMHSDWHDLVANIRAGDTATANVDKWDPATWPLQAKGVGTVAAPRGALGHWIRIKDGRIENYQCVVPTTWNGSPR
DYKGQIGAFEASLMNTPMVNPEQPVEILRTLHSFDP(CSO)LACSTH
;
L
2 'polypeptide(L)'
;METKPRTPVLWLHGLECTGCSESFIRSAHPLAKDVVLSMISLDYDDTLMAAAGHQAEAILEEIMTKYKGNYILAVEGNPP
LNQDGMSCIIGGRPFIEQLKYVAKDAKAIISWGSCASWGCVQAAKPNPTQATPVHKVITDKPIIKVPGCPPIAEVMTGVI
TYMLTFDRIPELDRQGRPKMFYSQRIHDKCYRRPHFDAGQFVEEWDDESARKGFCLYKMGCKGPTTYNACSTTRWNEGTS
FPIQSGHGCIGCSEDGFWDKGSFYDRLTGISQFGVEANADKIGGTASVVVGAAVTAHAAASAIKRASKKNETSGSEHRSA
WSHPQFEK
;
S
#
# COMPACT_ATOMS: atom_id res chain seq x y z
N ALA A 3 16.51 17.55 -25.96
CA ALA A 3 16.14 16.19 -26.44
C ALA A 3 17.32 15.22 -26.40
N TYR A 4 17.06 13.98 -25.99
CA TYR A 4 18.07 12.92 -26.09
C TYR A 4 17.42 11.54 -26.12
N ALA A 5 18.15 10.57 -26.64
CA ALA A 5 17.67 9.20 -26.72
C ALA A 5 18.26 8.39 -25.59
N THR A 6 17.46 7.53 -24.99
CA THR A 6 17.92 6.60 -23.96
C THR A 6 17.01 5.38 -23.93
N GLN A 7 17.61 4.19 -23.91
CA GLN A 7 16.87 2.93 -23.83
C GLN A 7 15.81 2.77 -24.94
N GLY A 8 16.08 3.35 -26.11
CA GLY A 8 15.14 3.29 -27.23
C GLY A 8 14.02 4.31 -27.21
N PHE A 9 14.02 5.19 -26.20
CA PHE A 9 13.03 6.25 -26.07
C PHE A 9 13.65 7.57 -26.48
N ASN A 10 12.93 8.31 -27.32
CA ASN A 10 13.37 9.62 -27.80
C ASN A 10 12.72 10.72 -26.97
N LEU A 11 13.41 11.11 -25.90
CA LEU A 11 12.91 12.16 -25.00
C LEU A 11 13.01 13.51 -25.67
N ASP A 12 11.95 14.31 -25.53
CA ASP A 12 11.91 15.65 -26.10
C ASP A 12 11.02 16.50 -25.21
N ASP A 13 11.58 17.56 -24.64
CA ASP A 13 10.87 18.47 -23.75
C ASP A 13 10.45 19.79 -24.41
N ARG A 14 10.51 19.85 -25.74
CA ARG A 14 10.12 21.06 -26.48
C ARG A 14 8.62 21.23 -26.70
N GLY A 15 7.84 20.16 -26.51
CA GLY A 15 6.40 20.21 -26.69
C GLY A 15 5.66 20.85 -25.53
N ARG A 16 4.33 20.72 -25.55
CA ARG A 16 3.48 21.33 -24.54
C ARG A 16 3.64 20.61 -23.20
N ARG A 17 3.86 21.38 -22.14
CA ARG A 17 4.07 20.85 -20.79
C ARG A 17 2.75 20.72 -20.04
N ILE A 18 2.54 19.55 -19.44
N ILE A 18 2.54 19.55 -19.45
CA ILE A 18 1.33 19.23 -18.68
CA ILE A 18 1.33 19.22 -18.69
C ILE A 18 1.73 18.75 -17.30
C ILE A 18 1.75 18.76 -17.29
N VAL A 19 1.06 19.27 -16.27
CA VAL A 19 1.37 18.96 -14.86
C VAL A 19 0.18 18.25 -14.23
N VAL A 20 0.46 17.16 -13.52
CA VAL A 20 -0.53 16.46 -12.72
C VAL A 20 -0.02 16.43 -11.29
N ASP A 21 -0.57 17.28 -10.44
CA ASP A 21 -0.15 17.34 -9.05
C ASP A 21 -1.31 17.89 -8.23
N PRO A 22 -1.92 17.06 -7.38
CA PRO A 22 -1.57 15.68 -7.02
C PRO A 22 -1.98 14.58 -8.00
N VAL A 23 -1.16 13.55 -8.12
CA VAL A 23 -1.59 12.28 -8.70
C VAL A 23 -2.41 11.61 -7.60
N THR A 24 -3.68 11.37 -7.87
CA THR A 24 -4.58 10.76 -6.91
C THR A 24 -4.77 9.28 -7.24
N ARG A 25 -5.52 8.59 -6.38
CA ARG A 25 -5.72 7.12 -6.45
C ARG A 25 -4.38 6.36 -6.52
N ILE A 26 -3.48 6.83 -5.66
CA ILE A 26 -2.21 6.19 -5.32
C ILE A 26 -2.10 6.30 -3.80
N GLU A 27 -1.13 5.59 -3.24
CA GLU A 27 -0.77 5.83 -1.86
C GLU A 27 0.27 6.94 -1.88
N GLY A 28 0.12 7.91 -0.98
CA GLY A 28 1.12 8.94 -0.80
C GLY A 28 1.08 10.03 -1.85
N HIS A 29 2.23 10.67 -2.06
CA HIS A 29 2.33 11.92 -2.80
C HIS A 29 3.26 11.84 -4.01
N MET A 30 2.69 12.15 -5.17
CA MET A 30 3.43 12.18 -6.42
C MET A 30 3.00 13.35 -7.27
N ARG A 31 3.97 13.94 -7.95
CA ARG A 31 3.76 14.90 -9.03
C ARG A 31 4.28 14.28 -10.33
N CYS A 32 3.51 14.44 -11.40
CA CYS A 32 3.92 13.96 -12.73
C CYS A 32 3.84 15.10 -13.71
N GLU A 33 4.91 15.30 -14.49
CA GLU A 33 4.88 16.24 -15.59
C GLU A 33 5.20 15.51 -16.88
N VAL A 34 4.54 15.90 -17.97
CA VAL A 34 4.85 15.37 -19.29
C VAL A 34 4.92 16.49 -20.30
N ASN A 35 5.58 16.21 -21.40
CA ASN A 35 5.48 17.06 -22.61
C ASN A 35 4.83 16.24 -23.69
N VAL A 36 3.91 16.86 -24.41
CA VAL A 36 3.25 16.24 -25.55
C VAL A 36 3.60 16.97 -26.84
N ASP A 37 3.63 16.21 -27.94
CA ASP A 37 3.92 16.76 -29.27
C ASP A 37 2.66 17.35 -29.90
N ALA A 38 2.77 17.78 -31.15
CA ALA A 38 1.68 18.46 -31.87
C ALA A 38 0.42 17.61 -31.97
N ASN A 39 0.57 16.30 -31.79
CA ASN A 39 -0.54 15.35 -31.92
C ASN A 39 -0.97 14.75 -30.59
N ASN A 40 -0.56 15.38 -29.48
CA ASN A 40 -0.89 14.98 -28.12
C ASN A 40 -0.27 13.63 -27.71
N VAL A 41 0.85 13.24 -28.32
CA VAL A 41 1.59 12.04 -27.92
C VAL A 41 2.66 12.44 -26.90
N ILE A 42 2.72 11.71 -25.79
CA ILE A 42 3.71 11.98 -24.74
C ILE A 42 5.12 11.67 -25.29
N ARG A 43 5.98 12.70 -25.27
CA ARG A 43 7.40 12.60 -25.68
C ARG A 43 8.40 12.83 -24.54
N ASN A 44 7.87 13.11 -23.34
CA ASN A 44 8.70 13.27 -22.16
C ASN A 44 7.82 13.06 -20.93
N ALA A 45 8.39 12.43 -19.90
CA ALA A 45 7.69 12.14 -18.67
C ALA A 45 8.65 12.28 -17.50
N VAL A 46 8.14 12.85 -16.41
CA VAL A 46 8.93 13.23 -15.25
C VAL A 46 8.19 12.76 -14.01
N SER A 47 8.80 11.84 -13.26
CA SER A 47 8.24 11.29 -12.04
C SER A 47 8.88 11.98 -10.85
N THR A 48 8.08 12.69 -10.05
CA THR A 48 8.54 13.35 -8.84
C THR A 48 7.84 12.83 -7.59
N GLY A 49 8.60 12.15 -6.73
CA GLY A 49 8.09 11.75 -5.42
C GLY A 49 8.06 12.98 -4.54
N THR A 50 6.87 13.34 -4.07
CA THR A 50 6.66 14.60 -3.36
C THR A 50 6.54 14.47 -1.82
N MET A 51 7.16 13.42 -1.27
CA MET A 51 7.22 13.24 0.18
C MET A 51 8.49 12.55 0.63
N TRP A 52 8.85 12.76 1.89
CA TRP A 52 9.93 12.04 2.56
C TRP A 52 9.72 12.17 4.07
N ARG A 53 10.06 11.10 4.80
CA ARG A 53 9.93 11.06 6.25
C ARG A 53 11.24 10.71 6.95
N GLY A 54 12.11 9.93 6.29
CA GLY A 54 13.44 9.63 6.81
C GLY A 54 13.54 8.49 7.81
N LEU A 55 12.81 7.39 7.57
CA LEU A 55 12.87 6.21 8.45
C LEU A 55 14.28 5.67 8.60
N GLU A 56 15.07 5.70 7.54
CA GLU A 56 16.44 5.18 7.58
C GLU A 56 17.28 5.95 8.59
N VAL A 57 17.04 7.25 8.69
CA VAL A 57 17.74 8.13 9.63
C VAL A 57 17.23 7.87 11.05
N ILE A 58 15.91 7.81 11.20
CA ILE A 58 15.25 7.55 12.49
C ILE A 58 15.71 6.24 13.14
N LEU A 59 15.95 5.21 12.33
CA LEU A 59 16.36 3.91 12.85
C LEU A 59 17.74 3.87 13.50
N LYS A 60 18.62 4.80 13.15
CA LYS A 60 19.99 4.77 13.67
C LYS A 60 20.05 4.76 15.20
N GLY A 61 20.87 3.88 15.75
CA GLY A 61 21.04 3.76 17.20
C GLY A 61 19.99 2.95 17.96
N ARG A 62 18.94 2.50 17.27
CA ARG A 62 17.86 1.74 17.90
C ARG A 62 18.17 0.25 17.93
N ASP A 63 17.32 -0.50 18.61
CA ASP A 63 17.47 -1.94 18.77
C ASP A 63 16.95 -2.66 17.53
N PRO A 64 17.78 -3.51 16.90
CA PRO A 64 17.30 -4.24 15.71
C PRO A 64 15.99 -5.00 15.94
N ARG A 65 15.72 -5.44 17.18
CA ARG A 65 14.49 -6.18 17.46
C ARG A 65 13.24 -5.31 17.36
N ASP A 66 13.38 -4.00 17.52
CA ASP A 66 12.27 -3.05 17.38
C ASP A 66 12.09 -2.57 15.95
N ALA A 67 13.09 -2.78 15.09
CA ALA A 67 13.08 -2.18 13.74
C ALA A 67 11.83 -2.47 12.92
N TRP A 68 11.33 -3.72 12.97
CA TRP A 68 10.20 -4.13 12.14
C TRP A 68 8.99 -3.21 12.31
N ALA A 69 8.73 -2.76 13.54
CA ALA A 69 7.57 -1.93 13.83
C ALA A 69 7.71 -0.53 13.24
N PHE A 70 8.92 0.02 13.28
CA PHE A 70 9.21 1.33 12.68
C PHE A 70 9.02 1.25 11.17
N VAL A 71 9.69 0.29 10.53
CA VAL A 71 9.62 0.18 9.06
C VAL A 71 8.27 -0.33 8.56
N GLU A 72 7.52 -1.05 9.39
CA GLU A 72 6.17 -1.42 9.00
C GLU A 72 5.37 -0.16 8.69
N ARG A 73 5.60 0.90 9.48
CA ARG A 73 4.92 2.18 9.28
C ARG A 73 5.46 3.00 8.11
N ILE A 74 6.37 2.45 7.32
CA ILE A 74 6.64 3.01 6.01
C ILE A 74 5.35 3.03 5.18
N CYS A 75 4.52 2.00 5.33
CA CYS A 75 3.31 1.92 4.55
C CYS A 75 2.23 1.04 5.17
N GLY A 76 1.03 1.61 5.27
CA GLY A 76 -0.14 0.91 5.75
C GLY A 76 -0.99 0.24 4.69
N VAL A 77 -0.65 0.45 3.41
CA VAL A 77 -1.31 -0.22 2.30
C VAL A 77 -0.63 -1.58 2.11
N CYS A 78 0.68 -1.58 1.87
CA CYS A 78 1.43 -2.83 1.83
C CYS A 78 1.85 -3.19 3.25
N THR A 79 0.86 -3.26 4.14
CA THR A 79 1.11 -3.38 5.57
C THR A 79 1.67 -4.75 5.95
N GLY A 80 2.82 -4.71 6.62
CA GLY A 80 3.49 -5.92 7.07
C GLY A 80 4.64 -6.40 6.20
N CYS A 81 4.66 -6.04 4.91
CA CYS A 81 5.74 -6.52 4.04
C CYS A 81 7.11 -5.95 4.48
N HIS A 82 7.12 -4.72 4.98
CA HIS A 82 8.33 -4.14 5.52
C HIS A 82 8.74 -4.80 6.84
N ALA A 83 7.74 -5.21 7.64
CA ALA A 83 8.04 -5.92 8.88
C ALA A 83 8.71 -7.25 8.55
N LEU A 84 8.16 -7.96 7.56
CA LEU A 84 8.73 -9.24 7.09
C LEU A 84 10.18 -9.04 6.61
N ALA A 85 10.41 -8.05 5.75
CA ALA A 85 11.76 -7.73 5.29
C ALA A 85 12.73 -7.46 6.45
N SER A 86 12.26 -6.72 7.45
CA SER A 86 13.06 -6.34 8.60
C SER A 86 13.46 -7.52 9.48
N VAL A 87 12.49 -8.34 9.88
CA VAL A 87 12.82 -9.52 10.70
C VAL A 87 13.73 -10.47 9.90
N ARG A 88 13.50 -10.59 8.59
CA ARG A 88 14.39 -11.42 7.75
C ARG A 88 15.81 -10.87 7.73
N ALA A 89 15.94 -9.54 7.66
CA ALA A 89 17.24 -8.89 7.64
C ALA A 89 18.00 -9.11 8.94
N VAL A 90 17.31 -8.93 10.06
CA VAL A 90 17.90 -9.14 11.38
C VAL A 90 18.26 -10.62 11.60
N GLU A 91 17.33 -11.50 11.24
CA GLU A 91 17.59 -12.94 11.32
C GLU A 91 18.79 -13.36 10.47
N ASN A 92 18.93 -12.78 9.28
CA ASN A 92 20.08 -13.04 8.42
C ASN A 92 21.38 -12.56 9.07
N ALA A 93 21.35 -11.36 9.65
CA ALA A 93 22.52 -10.80 10.30
C ALA A 93 22.99 -11.65 11.47
N LEU A 94 22.04 -12.20 12.22
CA LEU A 94 22.32 -12.89 13.48
C LEU A 94 22.32 -14.41 13.38
N ASP A 95 22.21 -14.95 12.16
CA ASP A 95 22.17 -16.40 11.90
C ASP A 95 21.03 -17.09 12.65
N ILE A 96 19.85 -16.49 12.61
CA ILE A 96 18.66 -17.06 13.26
C ILE A 96 17.83 -17.79 12.21
N ARG A 97 17.54 -19.07 12.45
CA ARG A 97 16.64 -19.84 11.60
C ARG A 97 15.33 -19.95 12.38
N ILE A 98 14.24 -19.51 11.76
CA ILE A 98 12.92 -19.55 12.40
C ILE A 98 12.31 -20.93 12.25
N PRO A 99 11.45 -21.34 13.20
CA PRO A 99 10.79 -22.65 13.09
C PRO A 99 9.78 -22.68 11.94
N LYS A 100 9.43 -23.89 11.51
CA LYS A 100 8.57 -24.10 10.35
C LYS A 100 7.19 -23.44 10.45
N ASN A 101 6.56 -23.48 11.62
CA ASN A 101 5.26 -22.84 11.78
C ASN A 101 5.34 -21.33 11.61
N ALA A 102 6.44 -20.71 12.07
CA ALA A 102 6.66 -19.27 11.91
C ALA A 102 6.83 -18.91 10.44
N HIS A 103 7.60 -19.72 9.72
CA HIS A 103 7.74 -19.60 8.26
C HIS A 103 6.39 -19.67 7.56
N LEU A 104 5.61 -20.70 7.83
CA LEU A 104 4.32 -20.87 7.17
C LEU A 104 3.35 -19.76 7.51
N ILE A 105 3.32 -19.34 8.78
CA ILE A 105 2.44 -18.23 9.18
C ILE A 105 2.84 -16.92 8.47
N ARG A 106 4.13 -16.63 8.39
CA ARG A 106 4.59 -15.48 7.62
C ARG A 106 4.20 -15.57 6.15
N GLU A 107 4.27 -16.76 5.55
CA GLU A 107 3.90 -16.93 4.14
C GLU A 107 2.42 -16.67 3.94
N ILE A 108 1.60 -17.19 4.85
CA ILE A 108 0.17 -16.98 4.81
C ILE A 108 -0.15 -15.49 4.94
N MET A 109 0.48 -14.82 5.89
CA MET A 109 0.31 -13.36 6.06
C MET A 109 0.72 -12.59 4.81
N ALA A 110 1.84 -13.00 4.21
CA ALA A 110 2.33 -12.34 2.99
C ALA A 110 1.38 -12.49 1.81
N LYS A 111 0.87 -13.69 1.63
CA LYS A 111 -0.06 -13.99 0.54
C LYS A 111 -1.43 -13.34 0.77
N THR A 112 -1.85 -13.21 2.02
CA THR A 112 -3.07 -12.48 2.38
C THR A 112 -2.93 -11.01 1.97
N LEU A 113 -1.77 -10.42 2.27
CA LEU A 113 -1.50 -9.04 1.90
C LEU A 113 -1.55 -8.92 0.39
N GLN A 114 -0.92 -9.85 -0.33
CA GLN A 114 -0.93 -9.83 -1.79
C GLN A 114 -2.34 -9.74 -2.36
N VAL A 115 -3.22 -10.63 -1.89
CA VAL A 115 -4.60 -10.64 -2.37
C VAL A 115 -5.32 -9.35 -2.02
N HIS A 116 -5.28 -8.97 -0.76
CA HIS A 116 -5.99 -7.77 -0.32
C HIS A 116 -5.53 -6.52 -1.07
N ASP A 117 -4.21 -6.35 -1.16
CA ASP A 117 -3.59 -5.18 -1.78
C ASP A 117 -3.94 -5.17 -3.28
N HIS A 118 -3.78 -6.30 -3.95
CA HIS A 118 -4.07 -6.36 -5.38
C HIS A 118 -5.53 -6.07 -5.70
N ALA A 119 -6.45 -6.71 -4.99
CA ALA A 119 -7.87 -6.56 -5.28
C ALA A 119 -8.38 -5.15 -4.97
N VAL A 120 -7.98 -4.59 -3.82
CA VAL A 120 -8.35 -3.22 -3.46
C VAL A 120 -7.74 -2.23 -4.45
N HIS A 121 -6.49 -2.49 -4.86
CA HIS A 121 -5.90 -1.63 -5.86
C HIS A 121 -6.72 -1.61 -7.15
N PHE A 122 -7.04 -2.78 -7.69
CA PHE A 122 -7.73 -2.81 -8.97
C PHE A 122 -9.09 -2.12 -8.90
N TYR A 123 -9.90 -2.49 -7.92
CA TYR A 123 -11.25 -1.93 -7.83
C TYR A 123 -11.26 -0.47 -7.38
N HIS A 124 -10.60 -0.18 -6.27
CA HIS A 124 -10.80 1.10 -5.61
C HIS A 124 -9.83 2.19 -6.03
N LEU A 125 -8.68 1.82 -6.60
CA LEU A 125 -7.74 2.79 -7.15
C LEU A 125 -7.68 2.79 -8.69
N HIS A 126 -7.71 1.61 -9.31
CA HIS A 126 -7.48 1.52 -10.75
C HIS A 126 -8.73 1.58 -11.64
N ALA A 127 -9.83 0.96 -11.18
CA ALA A 127 -11.00 0.73 -12.03
C ALA A 127 -11.53 1.98 -12.68
N LEU A 128 -11.53 3.11 -11.97
CA LEU A 128 -12.07 4.37 -12.53
C LEU A 128 -11.26 4.94 -13.70
N ASP A 129 -10.10 4.36 -13.99
CA ASP A 129 -9.36 4.68 -15.21
C ASP A 129 -9.89 3.94 -16.44
N TRP A 130 -10.65 2.87 -16.20
CA TRP A 130 -11.21 2.02 -17.24
C TRP A 130 -12.72 2.07 -17.31
N VAL A 131 -13.35 2.44 -16.19
CA VAL A 131 -14.79 2.36 -16.00
C VAL A 131 -15.37 3.77 -15.85
N ASP A 132 -16.39 4.08 -16.65
CA ASP A 132 -17.10 5.35 -16.60
C ASP A 132 -18.38 5.12 -15.77
N VAL A 133 -18.40 5.65 -14.55
N VAL A 133 -18.40 5.65 -14.55
CA VAL A 133 -19.53 5.42 -13.64
CA VAL A 133 -19.52 5.44 -13.63
C VAL A 133 -20.83 6.07 -14.14
C VAL A 133 -20.82 6.07 -14.12
N MET A 134 -20.72 7.17 -14.86
CA MET A 134 -21.91 7.85 -15.41
C MET A 134 -22.55 6.99 -16.51
N SER A 135 -21.72 6.32 -17.29
CA SER A 135 -22.20 5.37 -18.31
C SER A 135 -22.93 4.19 -17.67
N ALA A 136 -22.46 3.71 -16.51
CA ALA A 136 -23.17 2.64 -15.77
C ALA A 136 -24.62 3.01 -15.43
N LEU A 137 -24.90 4.30 -15.25
CA LEU A 137 -26.26 4.76 -14.96
C LEU A 137 -27.22 4.58 -16.15
N LYS A 138 -26.66 4.53 -17.35
CA LYS A 138 -27.44 4.32 -18.59
C LYS A 138 -27.61 2.85 -18.94
N ALA A 139 -26.96 1.94 -18.19
CA ALA A 139 -26.97 0.51 -18.52
C ALA A 139 -28.35 -0.13 -18.37
N ASP A 140 -28.61 -1.16 -19.17
CA ASP A 140 -29.83 -1.95 -19.04
C ASP A 140 -29.55 -3.13 -18.10
N PRO A 141 -30.27 -3.21 -16.96
CA PRO A 141 -30.01 -4.28 -15.97
C PRO A 141 -30.05 -5.71 -16.51
N LYS A 142 -30.98 -6.00 -17.43
CA LYS A 142 -31.08 -7.34 -18.04
C LYS A 142 -29.84 -7.67 -18.88
N ARG A 143 -29.40 -6.74 -19.70
CA ARG A 143 -28.18 -6.93 -20.51
C ARG A 143 -26.94 -7.01 -19.61
N THR A 144 -26.96 -6.31 -18.47
CA THR A 144 -25.87 -6.38 -17.48
C THR A 144 -25.82 -7.79 -16.88
N SER A 145 -26.98 -8.32 -16.52
CA SER A 145 -27.11 -9.69 -16.03
C SER A 145 -26.55 -10.70 -17.02
N GLU A 146 -26.89 -10.55 -18.29
CA GLU A 146 -26.42 -11.45 -19.35
C GLU A 146 -24.90 -11.38 -19.53
N LEU A 147 -24.35 -10.17 -19.43
CA LEU A 147 -22.90 -10.00 -19.51
C LEU A 147 -22.21 -10.72 -18.34
N GLN A 148 -22.73 -10.50 -17.14
CA GLN A 148 -22.19 -11.12 -15.94
C GLN A 148 -22.09 -12.65 -16.11
N GLN A 149 -23.13 -13.27 -16.63
CA GLN A 149 -23.14 -14.74 -16.80
C GLN A 149 -22.13 -15.22 -17.85
N LEU A 150 -21.87 -14.42 -18.87
CA LEU A 150 -20.84 -14.73 -19.87
C LEU A 150 -19.43 -14.50 -19.32
N VAL A 151 -19.24 -13.43 -18.57
CA VAL A 151 -17.91 -13.08 -18.00
C VAL A 151 -17.50 -14.07 -16.89
N SER A 152 -18.44 -14.38 -16.00
CA SER A 152 -18.19 -15.31 -14.91
C SER A 152 -19.45 -16.09 -14.55
N PRO A 153 -19.67 -17.25 -15.20
CA PRO A 153 -20.86 -18.08 -14.94
C PRO A 153 -21.05 -18.47 -13.47
N ALA A 154 -19.95 -18.76 -12.78
CA ALA A 154 -20.00 -19.24 -11.40
C ALA A 154 -20.35 -18.18 -10.35
N HIS A 155 -20.22 -16.90 -10.67
CA HIS A 155 -20.54 -15.83 -9.71
C HIS A 155 -22.05 -15.73 -9.48
N PRO A 156 -22.52 -16.01 -8.25
CA PRO A 156 -23.97 -16.11 -8.03
C PRO A 156 -24.73 -14.77 -8.04
N LEU A 157 -24.04 -13.65 -7.85
CA LEU A 157 -24.69 -12.34 -7.84
C LEU A 157 -24.82 -11.83 -9.28
N SER A 158 -25.85 -12.29 -9.99
CA SER A 158 -25.99 -12.03 -11.42
C SER A 158 -27.38 -11.60 -11.92
N SER A 159 -28.40 -11.59 -11.05
CA SER A 159 -29.78 -11.32 -11.49
C SER A 159 -29.97 -9.89 -11.97
N ALA A 160 -30.95 -9.68 -12.84
CA ALA A 160 -31.25 -8.35 -13.38
C ALA A 160 -31.71 -7.39 -12.27
N GLY A 161 -32.48 -7.91 -11.32
CA GLY A 161 -32.95 -7.13 -10.16
C GLY A 161 -31.84 -6.65 -9.24
N TYR A 162 -30.83 -7.47 -9.03
CA TYR A 162 -29.67 -7.10 -8.22
C TYR A 162 -28.93 -5.91 -8.85
N PHE A 163 -28.65 -6.01 -10.15
CA PHE A 163 -28.02 -4.88 -10.86
C PHE A 163 -28.91 -3.63 -10.91
N ARG A 164 -30.22 -3.81 -11.02
CA ARG A 164 -31.15 -2.68 -11.00
C ARG A 164 -31.10 -1.94 -9.66
N ASP A 165 -31.03 -2.69 -8.56
CA ASP A 165 -30.93 -2.11 -7.22
C ASP A 165 -29.65 -1.29 -7.04
N ILE A 166 -28.53 -1.84 -7.51
CA ILE A 166 -27.24 -1.16 -7.39
C ILE A 166 -27.30 0.12 -8.22
N GLN A 167 -27.69 -0.02 -9.48
CA GLN A 167 -27.86 1.13 -10.37
C GLN A 167 -28.75 2.22 -9.78
N ASN A 168 -29.87 1.84 -9.18
CA ASN A 168 -30.77 2.82 -8.58
C ASN A 168 -30.11 3.58 -7.43
N ARG A 169 -29.35 2.88 -6.60
CA ARG A 169 -28.62 3.54 -5.51
C ARG A 169 -27.60 4.54 -6.06
N LEU A 170 -26.86 4.14 -7.10
CA LEU A 170 -25.92 5.05 -7.77
C LEU A 170 -26.65 6.24 -8.38
N LYS A 171 -27.80 5.99 -9.02
CA LYS A 171 -28.65 7.05 -9.57
C LYS A 171 -29.02 8.09 -8.51
N ARG A 172 -29.62 7.64 -7.41
CA ARG A 172 -29.98 8.54 -6.31
C ARG A 172 -28.77 9.32 -5.77
N PHE A 173 -27.65 8.63 -5.64
CA PHE A 173 -26.40 9.24 -5.18
C PHE A 173 -26.00 10.39 -6.10
N VAL A 174 -25.92 10.12 -7.41
CA VAL A 174 -25.56 11.13 -8.41
C VAL A 174 -26.60 12.25 -8.52
N GLU A 175 -27.88 11.88 -8.46
N GLU A 175 -27.89 11.89 -8.46
CA GLU A 175 -28.99 12.84 -8.55
CA GLU A 175 -28.98 12.85 -8.56
C GLU A 175 -29.03 13.85 -7.39
C GLU A 175 -29.03 13.85 -7.39
N SER A 176 -28.36 13.52 -6.28
CA SER A 176 -28.29 14.42 -5.12
C SER A 176 -27.47 15.68 -5.38
N GLY A 177 -26.56 15.64 -6.36
CA GLY A 177 -25.64 16.75 -6.60
C GLY A 177 -24.38 16.70 -5.73
N GLN A 178 -24.29 15.68 -4.87
CA GLN A 178 -23.10 15.44 -4.05
C GLN A 178 -22.46 14.16 -4.57
N LEU A 179 -21.57 14.33 -5.55
N LEU A 179 -21.59 14.33 -5.56
CA LEU A 179 -20.95 13.20 -6.25
CA LEU A 179 -20.96 13.18 -6.24
C LEU A 179 -19.79 12.55 -5.48
C LEU A 179 -19.79 12.55 -5.48
N GLY A 180 -19.32 13.20 -4.43
CA GLY A 180 -18.26 12.64 -3.58
C GLY A 180 -17.03 12.22 -4.36
N PRO A 181 -16.62 10.94 -4.28
CA PRO A 181 -15.42 10.51 -5.02
C PRO A 181 -15.52 10.56 -6.55
N PHE A 182 -16.72 10.73 -7.09
CA PHE A 182 -16.90 10.86 -8.55
C PHE A 182 -16.91 12.32 -9.03
N MET A 183 -16.76 13.26 -8.10
CA MET A 183 -16.83 14.68 -8.41
C MET A 183 -15.72 15.12 -9.36
N ASN A 184 -16.07 15.94 -10.36
CA ASN A 184 -15.09 16.45 -11.33
C ASN A 184 -14.31 15.35 -12.05
N GLY A 185 -14.92 14.17 -12.22
CA GLY A 185 -14.28 13.06 -12.92
C GLY A 185 -14.21 13.33 -14.42
N TYR A 186 -13.59 12.41 -15.14
CA TYR A 186 -13.35 12.57 -16.58
C TYR A 186 -14.40 11.81 -17.39
N TRP A 187 -15.58 11.64 -16.79
CA TRP A 187 -16.66 10.85 -17.37
C TRP A 187 -17.02 11.40 -18.74
N GLY A 188 -17.32 10.50 -19.67
CA GLY A 188 -17.66 10.87 -21.04
C GLY A 188 -16.48 11.05 -21.99
N SER A 189 -15.26 11.04 -21.45
CA SER A 189 -14.07 11.10 -22.30
C SER A 189 -14.07 9.94 -23.29
N LYS A 190 -13.62 10.21 -24.52
N LYS A 190 -13.62 10.21 -24.52
CA LYS A 190 -13.48 9.17 -25.53
CA LYS A 190 -13.49 9.16 -25.54
C LYS A 190 -12.44 8.10 -25.14
C LYS A 190 -12.44 8.10 -25.14
N ALA A 191 -11.61 8.39 -24.15
CA ALA A 191 -10.65 7.40 -23.61
C ALA A 191 -11.37 6.22 -22.92
N TYR A 192 -12.62 6.43 -22.51
CA TYR A 192 -13.47 5.36 -21.99
C TYR A 192 -14.13 4.63 -23.16
N VAL A 193 -13.99 3.31 -23.20
CA VAL A 193 -14.53 2.51 -24.31
C VAL A 193 -15.55 1.44 -23.92
N LEU A 194 -15.74 1.16 -22.64
CA LEU A 194 -16.65 0.08 -22.22
C LEU A 194 -18.11 0.43 -22.53
N PRO A 195 -18.92 -0.58 -22.87
CA PRO A 195 -20.35 -0.33 -22.99
C PRO A 195 -20.96 -0.16 -21.59
N PRO A 196 -22.13 0.50 -21.51
CA PRO A 196 -22.77 0.75 -20.20
C PRO A 196 -22.87 -0.46 -19.28
N GLU A 197 -23.20 -1.63 -19.84
N GLU A 197 -23.22 -1.63 -19.84
CA GLU A 197 -23.41 -2.86 -19.08
CA GLU A 197 -23.41 -2.84 -19.04
C GLU A 197 -22.13 -3.33 -18.39
C GLU A 197 -22.13 -3.36 -18.40
N ALA A 198 -20.99 -3.20 -19.07
CA ALA A 198 -19.69 -3.54 -18.48
C ALA A 198 -19.32 -2.54 -17.37
N ASN A 199 -19.63 -1.26 -17.57
CA ASN A 199 -19.45 -0.25 -16.52
C ASN A 199 -20.28 -0.54 -15.26
N LEU A 200 -21.54 -0.92 -15.45
CA LEU A 200 -22.40 -1.26 -14.31
C LEU A 200 -21.88 -2.51 -13.59
N MET A 201 -21.51 -3.53 -14.35
CA MET A 201 -20.97 -4.76 -13.75
C MET A 201 -19.74 -4.46 -12.89
N ALA A 202 -18.81 -3.66 -13.43
CA ALA A 202 -17.58 -3.29 -12.73
C ALA A 202 -17.83 -2.47 -11.47
N VAL A 203 -18.70 -1.47 -11.56
CA VAL A 203 -19.04 -0.61 -10.40
C VAL A 203 -19.74 -1.43 -9.33
N THR A 204 -20.56 -2.39 -9.74
CA THR A 204 -21.20 -3.30 -8.80
C THR A 204 -20.13 -4.10 -8.05
N HIS A 205 -19.11 -4.57 -8.77
CA HIS A 205 -18.05 -5.36 -8.15
C HIS A 205 -17.15 -4.51 -7.26
N TYR A 206 -16.96 -3.24 -7.64
CA TYR A 206 -16.31 -2.22 -6.81
C TYR A 206 -16.94 -2.20 -5.41
N LEU A 207 -18.27 -2.10 -5.38
CA LEU A 207 -19.02 -2.09 -4.11
C LEU A 207 -18.94 -3.43 -3.39
N GLU A 208 -18.99 -4.52 -4.15
CA GLU A 208 -18.84 -5.87 -3.55
C GLU A 208 -17.48 -6.02 -2.90
N ALA A 209 -16.44 -5.62 -3.62
CA ALA A 209 -15.07 -5.72 -3.11
C ALA A 209 -14.84 -4.84 -1.89
N LEU A 210 -15.46 -3.66 -1.85
CA LEU A 210 -15.32 -2.77 -0.69
C LEU A 210 -15.82 -3.44 0.60
N ASP A 211 -16.93 -4.18 0.49
CA ASP A 211 -17.48 -4.89 1.65
C ASP A 211 -16.65 -6.12 1.99
N LEU A 212 -16.19 -6.85 0.99
CA LEU A 212 -15.47 -8.11 1.23
C LEU A 212 -14.03 -7.96 1.70
N GLN A 213 -13.35 -6.89 1.29
CA GLN A 213 -11.93 -6.76 1.60
C GLN A 213 -11.63 -6.79 3.10
N LYS A 214 -12.56 -6.31 3.92
CA LYS A 214 -12.39 -6.30 5.38
C LYS A 214 -12.37 -7.72 5.96
N GLU A 215 -12.93 -8.68 5.25
CA GLU A 215 -12.97 -10.06 5.75
C GLU A 215 -11.61 -10.74 5.59
N TRP A 216 -10.99 -10.55 4.43
CA TRP A 216 -9.72 -11.21 4.09
C TRP A 216 -8.62 -10.90 5.11
N VAL A 217 -8.58 -9.66 5.60
CA VAL A 217 -7.52 -9.26 6.52
C VAL A 217 -7.65 -9.83 7.91
N LYS A 218 -8.78 -10.48 8.22
CA LYS A 218 -8.94 -11.12 9.52
C LYS A 218 -7.91 -12.24 9.73
N ILE A 219 -7.32 -12.76 8.65
CA ILE A 219 -6.18 -13.69 8.74
C ILE A 219 -4.98 -12.99 9.43
N HIS A 220 -4.69 -11.76 9.02
CA HIS A 220 -3.67 -10.93 9.71
C HIS A 220 -4.03 -10.72 11.17
N THR A 221 -5.31 -10.45 11.43
CA THR A 221 -5.75 -10.20 12.80
C THR A 221 -5.51 -11.41 13.71
N ILE A 222 -5.79 -12.61 13.23
CA ILE A 222 -5.55 -13.84 14.00
C ILE A 222 -4.07 -13.96 14.34
N PHE A 223 -3.22 -13.94 13.33
CA PHE A 223 -1.79 -14.20 13.53
C PHE A 223 -0.99 -13.00 14.03
N GLY A 224 -1.45 -11.78 13.76
CA GLY A 224 -0.73 -10.55 14.08
C GLY A 224 -1.45 -9.49 14.89
N GLY A 225 -2.65 -9.82 15.39
CA GLY A 225 -3.38 -8.99 16.34
C GLY A 225 -4.29 -7.91 15.77
N LYS A 226 -3.96 -7.42 14.57
CA LYS A 226 -4.64 -6.28 13.98
C LYS A 226 -4.25 -6.10 12.52
N ASN A 227 -5.15 -5.48 11.77
CA ASN A 227 -4.87 -5.00 10.43
C ASN A 227 -5.60 -3.66 10.28
N PRO A 228 -4.90 -2.61 9.82
CA PRO A 228 -3.49 -2.58 9.41
C PRO A 228 -2.47 -2.78 10.52
N HIS A 229 -1.23 -3.01 10.09
CA HIS A 229 -0.04 -3.10 10.93
C HIS A 229 -0.03 -4.25 11.95
N PRO A 230 -0.13 -5.50 11.45
CA PRO A 230 -0.02 -6.65 12.32
C PRO A 230 1.38 -6.76 12.91
N ASN A 231 1.47 -7.43 14.06
CA ASN A 231 2.73 -7.60 14.75
C ASN A 231 3.58 -8.73 14.20
N TYR A 232 4.89 -8.50 14.15
CA TYR A 232 5.89 -9.49 13.73
C TYR A 232 6.85 -9.72 14.91
N LEU A 233 7.87 -10.54 14.71
CA LEU A 233 8.79 -10.89 15.78
C LEU A 233 10.10 -11.40 15.22
N VAL A 234 11.22 -10.85 15.69
CA VAL A 234 12.53 -11.42 15.34
C VAL A 234 12.65 -12.80 16.01
N GLY A 235 12.86 -13.82 15.19
CA GLY A 235 12.99 -15.19 15.64
C GLY A 235 11.77 -16.06 15.38
N GLY A 236 10.65 -15.45 14.99
CA GLY A 236 9.46 -16.21 14.67
C GLY A 236 8.18 -15.41 14.60
N VAL A 237 7.14 -15.92 15.27
CA VAL A 237 5.86 -15.21 15.37
C VAL A 237 5.41 -15.19 16.84
N PRO A 238 4.66 -14.15 17.25
CA PRO A 238 4.20 -14.10 18.64
C PRO A 238 2.99 -14.99 18.95
N CYS A 239 2.30 -15.46 17.92
CA CYS A 239 1.03 -16.17 18.06
C CYS A 239 1.25 -17.64 18.42
N ALA A 240 1.60 -17.86 19.69
CA ALA A 240 1.90 -19.18 20.22
C ALA A 240 0.72 -20.15 20.04
N ILE A 241 1.05 -21.42 19.86
CA ILE A 241 0.08 -22.46 19.49
C ILE A 241 -0.17 -23.39 20.68
N ASN A 242 -1.44 -23.71 20.90
CA ASN A 242 -1.86 -24.69 21.91
C ASN A 242 -3.21 -25.23 21.52
N LEU A 243 -3.27 -26.52 21.16
CA LEU A 243 -4.54 -27.12 20.75
C LEU A 243 -5.49 -27.40 21.91
N ASP A 244 -4.97 -27.91 23.03
CA ASP A 244 -5.80 -28.34 24.16
C ASP A 244 -5.96 -27.32 25.31
N GLY A 245 -5.36 -26.14 25.18
CA GLY A 245 -5.44 -25.10 26.22
C GLY A 245 -6.79 -24.39 26.24
N SER A 250 -7.12 -20.23 25.40
CA SER A 250 -6.14 -19.53 26.21
C SER A 250 -4.96 -19.02 25.37
N ALA A 251 -4.49 -19.83 24.42
CA ALA A 251 -3.38 -19.44 23.54
C ALA A 251 -3.84 -18.63 22.33
N PRO A 252 -2.93 -17.85 21.73
CA PRO A 252 -3.27 -17.14 20.48
C PRO A 252 -3.81 -18.02 19.35
N VAL A 253 -3.20 -19.20 19.16
CA VAL A 253 -3.61 -20.08 18.06
C VAL A 253 -3.98 -21.48 18.54
N ASN A 254 -5.23 -21.85 18.28
CA ASN A 254 -5.69 -23.21 18.48
C ASN A 254 -6.33 -23.67 17.16
N MET A 255 -6.90 -24.86 17.13
CA MET A 255 -7.45 -25.38 15.90
C MET A 255 -8.66 -24.58 15.40
N GLU A 256 -9.47 -24.04 16.32
CA GLU A 256 -10.61 -23.20 15.93
C GLU A 256 -10.14 -21.94 15.20
N ARG A 257 -9.06 -21.33 15.69
CA ARG A 257 -8.50 -20.14 15.04
C ARG A 257 -7.96 -20.51 13.64
N LEU A 258 -7.35 -21.68 13.52
CA LEU A 258 -6.86 -22.15 12.23
C LEU A 258 -8.01 -22.46 11.26
N SER A 259 -9.11 -23.03 11.77
CA SER A 259 -10.30 -23.28 10.95
C SER A 259 -10.87 -21.96 10.41
N PHE A 260 -10.90 -20.93 11.27
CA PHE A 260 -11.33 -19.59 10.86
C PHE A 260 -10.48 -19.07 9.68
N VAL A 261 -9.17 -19.19 9.81
CA VAL A 261 -8.24 -18.79 8.75
C VAL A 261 -8.56 -19.50 7.43
N LYS A 262 -8.77 -20.81 7.51
CA LYS A 262 -9.12 -21.62 6.33
C LYS A 262 -10.38 -21.11 5.65
N ALA A 263 -11.40 -20.76 6.44
CA ALA A 263 -12.66 -20.25 5.89
C ALA A 263 -12.43 -18.95 5.10
N ARG A 264 -11.57 -18.08 5.63
CA ARG A 264 -11.22 -16.82 4.97
C ARG A 264 -10.45 -17.07 3.67
N ILE A 265 -9.52 -18.02 3.71
CA ILE A 265 -8.75 -18.41 2.53
C ILE A 265 -9.67 -18.91 1.41
N ASP A 266 -10.64 -19.75 1.78
CA ASP A 266 -11.57 -20.29 0.79
C ASP A 266 -12.41 -19.19 0.14
N GLU A 267 -12.83 -18.20 0.93
CA GLU A 267 -13.57 -17.05 0.39
C GLU A 267 -12.72 -16.26 -0.59
N ILE A 268 -11.45 -16.11 -0.25
CA ILE A 268 -10.49 -15.42 -1.10
C ILE A 268 -10.36 -16.09 -2.49
N ILE A 269 -10.24 -17.41 -2.47
CA ILE A 269 -10.10 -18.21 -3.69
CA ILE A 269 -10.10 -18.21 -3.69
C ILE A 269 -11.32 -18.01 -4.59
N GLU A 270 -12.52 -17.99 -3.98
CA GLU A 270 -13.74 -17.75 -4.76
C GLU A 270 -13.78 -16.34 -5.36
N PHE A 271 -13.36 -15.34 -4.59
CA PHE A 271 -13.39 -13.96 -5.08
C PHE A 271 -12.47 -13.78 -6.27
N ASN A 272 -11.23 -14.24 -6.14
CA ASN A 272 -10.25 -14.13 -7.23
C ASN A 272 -10.70 -14.82 -8.51
N LYS A 273 -11.22 -16.04 -8.35
N LYS A 273 -11.22 -16.04 -8.35
CA LYS A 273 -11.65 -16.87 -9.46
CA LYS A 273 -11.66 -16.88 -9.44
C LYS A 273 -12.94 -16.36 -10.11
C LYS A 273 -12.94 -16.38 -10.10
N ASN A 274 -13.89 -15.89 -9.29
CA ASN A 274 -15.22 -15.51 -9.81
C ASN A 274 -15.43 -14.03 -10.09
N VAL A 275 -14.68 -13.15 -9.45
CA VAL A 275 -14.92 -11.72 -9.59
C VAL A 275 -13.71 -11.03 -10.22
N TYR A 276 -12.57 -11.09 -9.54
CA TYR A 276 -11.41 -10.29 -9.91
C TYR A 276 -10.77 -10.71 -11.25
N VAL A 277 -10.36 -11.97 -11.39
CA VAL A 277 -9.72 -12.40 -12.63
C VAL A 277 -10.66 -12.23 -13.84
N PRO A 278 -11.93 -12.70 -13.75
CA PRO A 278 -12.78 -12.52 -14.92
C PRO A 278 -13.01 -11.04 -15.33
N ASP A 279 -13.13 -10.13 -14.37
CA ASP A 279 -13.30 -8.71 -14.67
C ASP A 279 -12.11 -8.13 -15.42
N VAL A 280 -10.90 -8.48 -14.98
CA VAL A 280 -9.70 -7.96 -15.62
C VAL A 280 -9.54 -8.56 -17.03
N LEU A 281 -9.86 -9.85 -17.19
CA LEU A 281 -9.83 -10.47 -18.51
C LEU A 281 -10.82 -9.77 -19.45
N ALA A 282 -12.00 -9.46 -18.93
CA ALA A 282 -13.06 -8.87 -19.77
C ALA A 282 -12.72 -7.43 -20.15
N ILE A 283 -12.34 -6.62 -19.16
CA ILE A 283 -11.93 -5.21 -19.38
C ILE A 283 -10.69 -5.16 -20.26
N GLY A 284 -9.74 -6.05 -19.99
CA GLY A 284 -8.54 -6.17 -20.82
C GLY A 284 -8.84 -6.48 -22.27
N THR A 285 -9.78 -7.41 -22.49
CA THR A 285 -10.19 -7.78 -23.83
C THR A 285 -10.78 -6.59 -24.56
N LEU A 286 -11.68 -5.87 -23.90
CA LEU A 286 -12.35 -4.75 -24.55
C LEU A 286 -11.39 -3.61 -24.88
N TYR A 287 -10.44 -3.31 -23.98
CA TYR A 287 -9.44 -2.28 -24.26
C TYR A 287 -8.41 -2.75 -25.31
N LYS A 288 -8.12 -4.04 -25.34
CA LYS A 288 -7.31 -4.63 -26.41
C LYS A 288 -8.03 -4.44 -27.75
N GLN A 289 -9.33 -4.73 -27.78
CA GLN A 289 -10.13 -4.57 -29.01
C GLN A 289 -10.12 -3.12 -29.50
N ALA A 290 -10.11 -2.17 -28.57
CA ALA A 290 -9.99 -0.74 -28.92
C ALA A 290 -8.57 -0.32 -29.31
N GLY A 291 -7.60 -1.22 -29.18
CA GLY A 291 -6.22 -0.94 -29.59
C GLY A 291 -5.34 -0.24 -28.56
N TRP A 292 -5.77 -0.25 -27.28
CA TRP A 292 -5.05 0.48 -26.23
C TRP A 292 -3.99 -0.43 -25.57
N LEU A 293 -2.92 -0.69 -26.32
N LEU A 293 -2.92 -0.69 -26.32
CA LEU A 293 -1.83 -1.53 -25.84
CA LEU A 293 -1.83 -1.54 -25.85
C LEU A 293 -0.61 -0.72 -25.41
C LEU A 293 -0.61 -0.72 -25.41
N TYR A 294 -0.82 0.54 -25.08
CA TYR A 294 0.24 1.44 -24.63
C TYR A 294 0.70 1.07 -23.21
N GLY A 295 1.82 1.66 -22.80
CA GLY A 295 2.26 1.58 -21.43
C GLY A 295 3.29 0.53 -21.09
N GLY A 296 3.83 -0.17 -22.09
CA GLY A 296 4.79 -1.24 -21.84
C GLY A 296 6.06 -0.79 -21.17
N GLY A 297 6.55 0.39 -21.55
CA GLY A 297 7.77 0.96 -20.97
C GLY A 297 8.92 -0.02 -20.93
N LEU A 298 9.53 -0.18 -19.75
CA LEU A 298 10.68 -1.07 -19.59
C LEU A 298 10.31 -2.55 -19.56
N ALA A 299 9.04 -2.88 -19.37
CA ALA A 299 8.62 -4.30 -19.33
C ALA A 299 8.98 -5.06 -20.61
N ALA A 300 9.02 -4.34 -21.73
CA ALA A 300 9.41 -4.92 -23.01
C ALA A 300 10.91 -5.28 -23.06
N THR A 301 11.70 -4.77 -22.11
CA THR A 301 13.14 -5.06 -22.11
C THR A 301 13.68 -5.63 -20.82
N ASN A 302 13.60 -4.85 -19.73
CA ASN A 302 14.31 -5.14 -18.48
C ASN A 302 13.38 -5.33 -17.28
N VAL A 303 13.34 -6.54 -16.72
CA VAL A 303 12.48 -6.83 -15.56
C VAL A 303 13.30 -7.56 -14.49
N LEU A 304 12.95 -7.31 -13.22
CA LEU A 304 13.66 -7.89 -12.08
C LEU A 304 12.72 -8.23 -10.92
N ASP A 305 13.03 -9.32 -10.23
CA ASP A 305 12.45 -9.64 -8.92
C ASP A 305 13.48 -10.49 -8.17
N TYR A 306 13.47 -10.44 -6.83
CA TYR A 306 14.44 -11.25 -6.08
C TYR A 306 14.06 -12.73 -6.04
N GLY A 307 12.80 -13.06 -6.34
CA GLY A 307 12.31 -14.44 -6.27
C GLY A 307 11.80 -14.71 -4.87
N GLU A 308 10.68 -15.44 -4.78
CA GLU A 308 9.98 -15.56 -3.49
C GLU A 308 9.13 -16.85 -3.41
N TYR A 309 8.68 -17.17 -2.20
CA TYR A 309 7.76 -18.26 -1.88
C TYR A 309 8.35 -19.64 -2.15
N PRO A 310 9.46 -19.95 -1.46
CA PRO A 310 10.08 -21.27 -1.62
C PRO A 310 9.24 -22.36 -0.95
N ASN A 311 8.98 -23.44 -1.67
N ASN A 311 8.97 -23.45 -1.64
CA ASN A 311 8.27 -24.61 -1.11
CA ASN A 311 8.19 -24.53 -1.05
C ASN A 311 8.98 -25.18 0.09
C ASN A 311 8.98 -25.29 0.05
N VAL A 312 10.31 -25.12 0.06
CA VAL A 312 11.16 -25.57 1.17
C VAL A 312 11.85 -24.33 1.72
N ALA A 313 11.65 -24.05 3.01
CA ALA A 313 12.19 -22.85 3.64
C ALA A 313 13.69 -22.78 3.46
N TYR A 314 14.17 -21.56 3.22
CA TYR A 314 15.60 -21.25 3.03
C TYR A 314 16.26 -21.91 1.80
N ASN A 315 15.45 -22.41 0.86
CA ASN A 315 15.97 -23.03 -0.36
C ASN A 315 15.41 -22.30 -1.60
N LYS A 316 16.20 -21.36 -2.12
CA LYS A 316 15.75 -20.49 -3.22
C LYS A 316 15.42 -21.21 -4.52
N SER A 317 16.02 -22.37 -4.76
CA SER A 317 15.71 -23.13 -5.97
C SER A 317 14.25 -23.55 -6.03
N THR A 318 13.58 -23.57 -4.88
CA THR A 318 12.17 -23.97 -4.80
C THR A 318 11.20 -22.78 -4.81
N ASP A 319 11.69 -21.58 -5.11
CA ASP A 319 10.84 -20.40 -5.23
C ASP A 319 9.70 -20.64 -6.23
N GLN A 320 8.48 -20.39 -5.78
CA GLN A 320 7.26 -20.58 -6.57
C GLN A 320 6.94 -19.37 -7.45
N LEU A 321 7.57 -18.24 -7.12
CA LEU A 321 7.68 -17.12 -8.04
C LEU A 321 9.18 -16.90 -8.25
N PRO A 322 9.79 -17.73 -9.12
CA PRO A 322 11.25 -17.66 -9.29
C PRO A 322 11.69 -16.36 -9.96
N GLY A 323 12.75 -15.77 -9.43
CA GLY A 323 13.17 -14.43 -9.83
C GLY A 323 14.43 -14.40 -10.66
N GLY A 324 15.10 -13.26 -10.60
CA GLY A 324 16.27 -13.00 -11.43
C GLY A 324 16.06 -11.71 -12.21
N ALA A 325 16.87 -11.52 -13.25
CA ALA A 325 16.79 -10.35 -14.09
C ALA A 325 16.80 -10.76 -15.56
N ILE A 326 15.99 -10.08 -16.36
CA ILE A 326 15.96 -10.21 -17.82
C ILE A 326 16.37 -8.88 -18.38
N LEU A 327 17.18 -8.91 -19.44
CA LEU A 327 17.63 -7.71 -20.12
C LEU A 327 17.29 -7.78 -21.61
N ASN A 328 17.08 -6.60 -22.19
CA ASN A 328 16.95 -6.44 -23.63
C ASN A 328 15.81 -7.28 -24.27
N GLY A 329 14.80 -7.62 -23.47
CA GLY A 329 13.67 -8.42 -23.94
C GLY A 329 14.00 -9.86 -24.29
N ASN A 330 15.13 -10.39 -23.79
CA ASN A 330 15.57 -11.75 -24.06
C ASN A 330 15.05 -12.70 -22.98
N TRP A 331 13.90 -13.29 -23.24
CA TRP A 331 13.24 -14.16 -22.29
C TRP A 331 13.88 -15.55 -22.23
N ASP A 332 14.93 -15.80 -23.02
CA ASP A 332 15.69 -17.06 -22.97
C ASP A 332 16.90 -17.03 -22.02
N GLU A 333 17.15 -15.90 -21.36
CA GLU A 333 18.28 -15.78 -20.45
C GLU A 333 17.90 -15.02 -19.19
N VAL A 334 17.70 -15.74 -18.08
CA VAL A 334 17.45 -15.13 -16.78
C VAL A 334 18.74 -15.10 -15.98
N PHE A 335 19.21 -13.90 -15.66
CA PHE A 335 20.41 -13.72 -14.85
C PHE A 335 20.07 -13.83 -13.37
N PRO A 336 20.91 -14.54 -12.59
CA PRO A 336 20.65 -14.56 -11.16
C PRO A 336 20.89 -13.19 -10.52
N VAL A 337 20.07 -12.85 -9.53
CA VAL A 337 20.20 -11.60 -8.80
C VAL A 337 20.61 -11.92 -7.36
N ASP A 338 21.70 -11.29 -6.89
CA ASP A 338 22.23 -11.46 -5.55
C ASP A 338 22.15 -10.14 -4.80
N PRO A 339 21.23 -10.03 -3.82
CA PRO A 339 21.12 -8.80 -3.02
C PRO A 339 22.36 -8.48 -2.14
N ARG A 340 23.28 -9.43 -2.01
CA ARG A 340 24.50 -9.24 -1.22
C ARG A 340 25.65 -8.66 -2.04
N ASP A 341 25.55 -8.70 -3.38
CA ASP A 341 26.62 -8.31 -4.28
C ASP A 341 26.65 -6.78 -4.47
N SER A 342 27.74 -6.14 -4.06
CA SER A 342 27.84 -4.68 -4.12
C SER A 342 27.77 -4.11 -5.53
N GLN A 343 28.04 -4.94 -6.55
CA GLN A 343 27.98 -4.51 -7.94
C GLN A 343 26.61 -4.68 -8.62
N GLN A 344 25.63 -5.20 -7.89
CA GLN A 344 24.31 -5.47 -8.49
C GLN A 344 23.32 -4.37 -8.15
N VAL A 345 22.66 -4.46 -6.99
CA VAL A 345 21.68 -3.42 -6.61
C VAL A 345 22.42 -2.20 -6.08
N GLN A 346 22.24 -1.07 -6.73
CA GLN A 346 22.87 0.19 -6.32
C GLN A 346 21.89 1.34 -6.52
N GLU A 347 22.00 2.38 -5.71
CA GLU A 347 21.12 3.54 -5.79
C GLU A 347 21.92 4.79 -6.07
N PHE A 348 21.51 5.50 -7.12
CA PHE A 348 22.05 6.80 -7.49
C PHE A 348 21.17 7.89 -6.90
N VAL A 349 21.75 9.06 -6.70
CA VAL A 349 20.97 10.25 -6.28
C VAL A 349 21.25 11.47 -7.16
N SER A 350 21.87 11.26 -8.32
CA SER A 350 22.18 12.35 -9.25
C SER A 350 20.98 13.27 -9.51
N HIS A 351 19.78 12.70 -9.63
CA HIS A 351 18.56 13.48 -9.88
C HIS A 351 17.54 13.40 -8.74
N SER A 352 18.03 13.12 -7.54
CA SER A 352 17.20 13.00 -6.33
C SER A 352 17.64 14.01 -5.29
N TRP A 353 16.72 14.38 -4.40
CA TRP A 353 16.99 15.35 -3.32
C TRP A 353 17.78 14.77 -2.12
N TYR A 354 18.96 14.24 -2.44
CA TYR A 354 19.89 13.71 -1.47
C TYR A 354 21.31 14.07 -1.89
N LYS A 355 22.28 13.82 -1.00
N LYS A 355 22.27 13.79 -0.99
CA LYS A 355 23.66 14.04 -1.36
CA LYS A 355 23.68 14.08 -1.20
C LYS A 355 24.57 12.89 -0.94
C LYS A 355 24.56 12.86 -0.92
N TYR A 356 25.50 12.57 -1.82
CA TYR A 356 26.54 11.57 -1.58
C TYR A 356 27.89 12.29 -1.60
N ALA A 357 28.93 11.61 -1.12
CA ALA A 357 30.30 12.08 -1.27
C ALA A 357 30.68 12.17 -2.75
N ASP A 358 30.24 11.17 -3.53
CA ASP A 358 30.44 11.13 -4.97
C ASP A 358 29.14 10.73 -5.66
N GLU A 359 28.48 11.69 -6.30
CA GLU A 359 27.19 11.42 -6.93
C GLU A 359 27.22 10.82 -8.34
N SER A 360 28.43 10.53 -8.82
CA SER A 360 28.59 9.88 -10.11
CA SER A 360 28.58 9.88 -10.12
C SER A 360 28.45 8.37 -10.00
N VAL A 361 28.39 7.86 -8.76
CA VAL A 361 28.29 6.43 -8.53
C VAL A 361 27.02 6.05 -7.77
N GLY A 362 26.69 4.77 -7.87
CA GLY A 362 25.56 4.19 -7.16
C GLY A 362 26.06 3.43 -5.95
N LEU A 363 25.32 3.49 -4.86
CA LEU A 363 25.73 2.82 -3.63
C LEU A 363 24.89 1.58 -3.36
N HIS A 364 25.56 0.47 -3.06
CA HIS A 364 24.87 -0.73 -2.58
C HIS A 364 24.30 -0.39 -1.20
N PRO A 365 23.11 -0.91 -0.85
CA PRO A 365 22.44 -0.42 0.36
C PRO A 365 23.18 -0.70 1.69
N TRP A 366 24.05 -1.71 1.76
CA TRP A 366 24.89 -1.83 2.97
C TRP A 366 25.79 -0.63 3.17
N ASP A 367 26.08 0.09 2.07
CA ASP A 367 26.88 1.29 2.09
C ASP A 367 26.03 2.53 1.80
N GLY A 368 24.71 2.40 1.94
CA GLY A 368 23.78 3.47 1.59
C GLY A 368 23.88 4.67 2.51
N VAL A 369 23.49 5.82 1.97
CA VAL A 369 23.55 7.10 2.64
C VAL A 369 22.27 7.85 2.34
N THR A 370 21.66 8.41 3.38
CA THR A 370 20.43 9.20 3.26
C THR A 370 20.56 10.54 3.97
N GLU A 371 21.05 11.53 3.23
CA GLU A 371 21.16 12.89 3.71
C GLU A 371 20.32 13.76 2.80
N PRO A 372 19.27 14.38 3.35
CA PRO A 372 18.39 15.16 2.47
C PRO A 372 19.09 16.36 1.84
N ASN A 373 18.65 16.73 0.65
CA ASN A 373 19.22 17.85 -0.08
C ASN A 373 18.19 18.40 -1.05
N TYR A 374 17.24 19.17 -0.50
CA TYR A 374 16.16 19.72 -1.28
C TYR A 374 16.67 21.00 -1.94
N VAL A 375 16.93 20.90 -3.24
CA VAL A 375 17.43 22.01 -4.06
C VAL A 375 16.87 21.83 -5.48
N LEU A 376 16.45 22.95 -6.08
CA LEU A 376 15.86 22.93 -7.41
C LEU A 376 16.81 23.46 -8.46
N GLY A 377 16.75 22.90 -9.66
CA GLY A 377 17.58 23.39 -10.76
C GLY A 377 17.27 24.81 -11.23
N ALA A 378 18.25 25.43 -11.88
CA ALA A 378 18.12 26.82 -12.33
C ALA A 378 17.07 27.06 -13.42
N ASN A 379 16.66 26.01 -14.13
N ASN A 379 16.67 26.01 -14.14
CA ASN A 379 15.61 26.12 -15.14
CA ASN A 379 15.61 26.14 -15.15
C ASN A 379 14.21 25.84 -14.59
C ASN A 379 14.21 25.83 -14.60
N THR A 380 14.08 25.76 -13.28
CA THR A 380 12.77 25.60 -12.62
C THR A 380 11.89 26.80 -12.93
N LYS A 381 10.61 26.58 -13.21
CA LYS A 381 9.66 27.68 -13.30
C LYS A 381 8.92 27.74 -11.98
N GLY A 382 8.96 28.91 -11.33
CA GLY A 382 8.42 29.08 -9.98
C GLY A 382 9.54 29.27 -8.97
N THR A 383 9.23 29.01 -7.70
CA THR A 383 10.15 29.20 -6.57
C THR A 383 10.31 27.89 -5.81
N ARG A 384 11.22 27.90 -4.82
CA ARG A 384 11.46 26.75 -3.94
C ARG A 384 10.21 26.25 -3.25
N THR A 385 9.27 27.15 -2.96
CA THR A 385 8.02 26.78 -2.29
C THR A 385 6.76 26.92 -3.15
N ARG A 386 6.94 27.20 -4.44
CA ARG A 386 5.80 27.29 -5.35
CA ARG A 386 5.81 27.33 -5.36
C ARG A 386 6.26 26.91 -6.75
N ILE A 387 6.31 25.60 -7.00
CA ILE A 387 6.83 25.04 -8.23
C ILE A 387 5.73 25.06 -9.30
N GLU A 388 6.05 25.62 -10.46
CA GLU A 388 5.16 25.62 -11.62
C GLU A 388 5.58 24.55 -12.61
N GLN A 389 6.88 24.46 -12.89
CA GLN A 389 7.46 23.42 -13.74
CA GLN A 389 7.43 23.40 -13.72
C GLN A 389 8.80 22.96 -13.16
N ILE A 390 8.86 21.69 -12.77
CA ILE A 390 10.06 21.13 -12.18
C ILE A 390 11.15 20.99 -13.27
N ASP A 391 12.40 21.12 -12.85
CA ASP A 391 13.56 21.04 -13.74
C ASP A 391 14.20 19.65 -13.61
N GLU A 392 13.87 18.76 -14.54
CA GLU A 392 14.31 17.39 -14.51
C GLU A 392 15.76 17.21 -14.97
N SER A 393 16.43 18.30 -15.39
CA SER A 393 17.87 18.26 -15.69
C SER A 393 18.70 18.22 -14.40
N ALA A 394 18.08 18.55 -13.27
CA ALA A 394 18.75 18.61 -11.96
C ALA A 394 18.08 17.60 -11.00
N LYS A 395 18.00 17.92 -9.71
CA LYS A 395 17.39 17.02 -8.74
C LYS A 395 15.88 17.29 -8.69
N TYR A 396 15.07 16.24 -8.86
CA TYR A 396 13.63 16.45 -9.01
C TYR A 396 12.72 15.47 -8.31
N SER A 397 13.21 14.79 -7.28
CA SER A 397 12.43 13.77 -6.60
C SER A 397 13.02 13.36 -5.26
N TRP A 398 12.13 12.99 -4.33
CA TRP A 398 12.53 12.42 -3.05
C TRP A 398 12.79 10.90 -3.20
N ILE A 399 12.63 10.36 -4.40
CA ILE A 399 12.89 8.93 -4.66
C ILE A 399 14.32 8.79 -5.16
N LYS A 400 15.10 7.89 -4.56
CA LYS A 400 16.41 7.52 -5.11
C LYS A 400 16.25 6.73 -6.42
N SER A 401 17.36 6.48 -7.10
CA SER A 401 17.36 5.77 -8.38
C SER A 401 18.06 4.40 -8.29
N PRO A 402 17.30 3.33 -7.98
CA PRO A 402 17.91 2.00 -7.96
C PRO A 402 18.13 1.47 -9.37
N ARG A 403 19.25 0.78 -9.57
CA ARG A 403 19.59 0.14 -10.83
C ARG A 403 20.22 -1.23 -10.49
N TRP A 404 20.23 -2.13 -11.46
CA TRP A 404 20.82 -3.46 -11.29
C TRP A 404 21.96 -3.60 -12.27
N ARG A 405 23.20 -3.66 -11.75
CA ARG A 405 24.40 -3.63 -12.60
C ARG A 405 24.33 -2.44 -13.58
N GLY A 406 23.81 -1.32 -13.09
CA GLY A 406 23.66 -0.11 -13.90
C GLY A 406 22.43 -0.05 -14.78
N HIS A 407 21.68 -1.14 -14.91
CA HIS A 407 20.49 -1.18 -15.77
C HIS A 407 19.22 -0.72 -15.04
N ALA A 408 18.39 0.04 -15.76
CA ALA A 408 17.08 0.44 -15.25
C ALA A 408 16.10 -0.71 -15.49
N MET A 409 15.37 -1.08 -14.44
CA MET A 409 14.51 -2.28 -14.44
C MET A 409 13.09 -1.93 -14.03
N GLU A 410 12.11 -2.64 -14.58
CA GLU A 410 10.73 -2.62 -14.03
C GLU A 410 10.58 -3.76 -13.05
N VAL A 411 9.90 -3.49 -11.94
CA VAL A 411 9.61 -4.51 -10.93
C VAL A 411 8.09 -4.58 -10.74
N GLY A 412 7.62 -5.68 -10.18
CA GLY A 412 6.20 -5.85 -9.88
C GLY A 412 5.64 -7.20 -10.30
N PRO A 413 4.32 -7.36 -10.16
CA PRO A 413 3.69 -8.61 -10.57
C PRO A 413 3.99 -8.98 -12.02
N LEU A 414 3.93 -7.99 -12.93
CA LEU A 414 4.23 -8.23 -14.33
C LEU A 414 5.64 -8.77 -14.52
N SER A 415 6.62 -8.14 -13.88
CA SER A 415 7.99 -8.63 -13.92
C SER A 415 8.09 -10.07 -13.43
N ARG A 416 7.44 -10.35 -12.32
CA ARG A 416 7.43 -11.72 -11.75
C ARG A 416 6.78 -12.72 -12.69
N TYR A 417 5.73 -12.30 -13.40
CA TYR A 417 5.07 -13.21 -14.34
C TYR A 417 5.87 -13.45 -15.62
N ILE A 418 6.58 -12.43 -16.09
CA ILE A 418 7.49 -12.60 -17.23
C ILE A 418 8.64 -13.52 -16.82
N LEU A 419 9.18 -13.28 -15.62
CA LEU A 419 10.25 -14.13 -15.08
C LEU A 419 9.76 -15.57 -14.91
N ALA A 420 8.54 -15.73 -14.41
CA ALA A 420 7.97 -17.07 -14.24
C ALA A 420 7.84 -17.80 -15.57
N TYR A 421 7.36 -17.08 -16.58
CA TYR A 421 7.19 -17.64 -17.91
C TYR A 421 8.53 -18.07 -18.50
N ALA A 422 9.54 -17.20 -18.37
CA ALA A 422 10.90 -17.48 -18.79
C ALA A 422 11.45 -18.73 -18.09
N HIS A 423 11.30 -18.77 -16.77
CA HIS A 423 11.76 -19.93 -15.99
C HIS A 423 11.08 -21.21 -16.44
N ALA A 424 9.76 -21.17 -16.64
CA ALA A 424 9.01 -22.37 -17.05
C ALA A 424 9.45 -22.87 -18.43
N ARG A 425 9.73 -21.94 -19.35
CA ARG A 425 10.27 -22.30 -20.67
C ARG A 425 11.62 -23.00 -20.57
N SER A 426 12.44 -22.62 -19.59
CA SER A 426 13.76 -23.22 -19.39
C SER A 426 13.74 -24.45 -18.47
N GLY A 427 12.55 -24.98 -18.18
CA GLY A 427 12.41 -26.24 -17.43
C GLY A 427 12.10 -26.16 -15.95
N ASN A 428 11.92 -24.96 -15.41
CA ASN A 428 11.58 -24.79 -14.00
C ASN A 428 10.12 -25.18 -13.73
N LYS A 429 9.93 -26.27 -13.00
CA LYS A 429 8.58 -26.79 -12.72
C LYS A 429 7.84 -26.02 -11.61
N TYR A 430 8.59 -25.25 -10.81
CA TYR A 430 7.99 -24.44 -9.76
C TYR A 430 7.19 -23.26 -10.34
N ALA A 431 7.47 -22.91 -11.59
CA ALA A 431 6.75 -21.84 -12.28
C ALA A 431 5.61 -22.31 -13.18
N GLU A 432 5.20 -23.58 -13.03
N GLU A 432 5.19 -23.57 -13.06
CA GLU A 432 4.18 -24.19 -13.89
CA GLU A 432 4.18 -24.12 -13.98
C GLU A 432 2.84 -23.44 -13.83
C GLU A 432 2.81 -23.43 -13.85
N ARG A 433 2.38 -23.13 -12.63
CA ARG A 433 1.07 -22.49 -12.45
C ARG A 433 0.99 -21.08 -13.09
N PRO A 434 1.98 -20.19 -12.84
CA PRO A 434 1.93 -18.90 -13.53
C PRO A 434 1.92 -19.05 -15.06
N LYS A 435 2.67 -20.02 -15.59
N LYS A 435 2.67 -20.02 -15.59
CA LYS A 435 2.69 -20.27 -17.03
CA LYS A 435 2.69 -20.27 -17.03
C LYS A 435 1.30 -20.64 -17.52
C LYS A 435 1.30 -20.64 -17.52
N GLU A 436 0.66 -21.58 -16.82
CA GLU A 436 -0.71 -22.00 -17.12
C GLU A 436 -1.69 -20.83 -17.11
N GLN A 437 -1.57 -19.97 -16.09
CA GLN A 437 -2.42 -18.78 -15.96
C GLN A 437 -2.27 -17.83 -17.14
N LEU A 438 -1.03 -17.60 -17.55
CA LEU A 438 -0.73 -16.72 -18.67
C LEU A 438 -1.27 -17.25 -20.01
N GLU A 439 -1.07 -18.54 -20.28
CA GLU A 439 -1.56 -19.13 -21.54
C GLU A 439 -3.09 -19.14 -21.57
N TYR A 440 -3.70 -19.42 -20.43
CA TYR A 440 -5.16 -19.36 -20.29
C TYR A 440 -5.67 -17.94 -20.56
N SER A 441 -5.04 -16.95 -19.93
CA SER A 441 -5.44 -15.55 -20.10
C SER A 441 -5.33 -15.09 -21.56
N ALA A 442 -4.24 -15.47 -22.22
CA ALA A 442 -4.03 -15.12 -23.63
C ALA A 442 -5.12 -15.71 -24.52
N GLN A 443 -5.46 -16.98 -24.28
CA GLN A 443 -6.55 -17.63 -25.02
C GLN A 443 -7.90 -16.94 -24.76
N MET A 444 -8.15 -16.55 -23.52
CA MET A 444 -9.40 -15.84 -23.18
C MET A 444 -9.46 -14.46 -23.83
N ILE A 445 -8.36 -13.71 -23.75
CA ILE A 445 -8.28 -12.35 -24.30
C ILE A 445 -8.30 -12.34 -25.83
N ASN A 446 -7.59 -13.28 -26.45
CA ASN A 446 -7.49 -13.35 -27.92
C ASN A 446 -8.71 -13.97 -28.59
N SER A 447 -9.27 -14.99 -27.96
CA SER A 447 -10.25 -15.87 -28.62
C SER A 447 -11.60 -16.05 -27.89
N ALA A 448 -11.56 -16.55 -26.65
CA ALA A 448 -12.80 -16.98 -25.98
C ALA A 448 -13.72 -15.81 -25.63
N ILE A 449 -13.18 -14.75 -25.05
CA ILE A 449 -14.02 -13.60 -24.70
C ILE A 449 -14.53 -12.88 -25.96
N PRO A 450 -13.66 -12.62 -26.96
CA PRO A 450 -14.16 -12.06 -28.21
C PRO A 450 -15.30 -12.88 -28.84
N LYS A 451 -15.13 -14.21 -28.90
CA LYS A 451 -16.16 -15.11 -29.41
C LYS A 451 -17.45 -14.97 -28.61
N ALA A 452 -17.33 -14.92 -27.28
CA ALA A 452 -18.51 -14.76 -26.42
C ALA A 452 -19.23 -13.43 -26.63
N LEU A 453 -18.48 -12.35 -26.86
CA LEU A 453 -19.06 -11.01 -27.01
C LEU A 453 -19.33 -10.59 -28.45
N GLY A 454 -19.08 -11.48 -29.42
CA GLY A 454 -19.31 -11.19 -30.82
C GLY A 454 -18.29 -10.25 -31.43
N LEU A 455 -17.06 -10.30 -30.92
CA LEU A 455 -15.96 -9.45 -31.40
C LEU A 455 -15.00 -10.31 -32.21
N PRO A 456 -14.19 -9.69 -33.08
CA PRO A 456 -13.24 -10.49 -33.86
C PRO A 456 -12.11 -11.01 -32.98
N GLU A 457 -11.61 -12.21 -33.30
CA GLU A 457 -10.52 -12.81 -32.54
C GLU A 457 -9.19 -12.19 -32.96
N THR A 458 -8.25 -12.15 -32.02
CA THR A 458 -6.92 -11.62 -32.30
C THR A 458 -5.89 -12.72 -32.09
N GLN A 459 -4.64 -12.43 -32.42
CA GLN A 459 -3.57 -13.42 -32.38
C GLN A 459 -2.32 -12.89 -31.68
N TYR A 460 -2.51 -12.11 -30.62
CA TYR A 460 -1.37 -11.57 -29.86
C TYR A 460 -0.64 -12.68 -29.12
N THR A 461 0.68 -12.68 -29.21
CA THR A 461 1.49 -13.57 -28.41
C THR A 461 1.62 -12.94 -27.03
N LEU A 462 2.03 -13.72 -26.04
CA LEU A 462 2.35 -13.19 -24.71
C LEU A 462 3.45 -12.12 -24.80
N LYS A 463 4.43 -12.34 -25.67
CA LYS A 463 5.52 -11.37 -25.88
C LYS A 463 4.98 -10.02 -26.32
N GLN A 464 3.93 -10.03 -27.14
CA GLN A 464 3.29 -8.80 -27.61
C GLN A 464 2.32 -8.20 -26.57
N LEU A 465 1.59 -9.07 -25.89
CA LEU A 465 0.49 -8.65 -24.99
C LEU A 465 0.93 -8.20 -23.60
N LEU A 466 1.89 -8.91 -23.02
CA LEU A 466 2.28 -8.64 -21.62
C LEU A 466 2.95 -7.29 -21.37
N PRO A 467 3.88 -6.86 -22.25
CA PRO A 467 4.49 -5.53 -22.04
C PRO A 467 3.55 -4.40 -22.47
N SER A 468 2.58 -4.13 -21.59
CA SER A 468 1.54 -3.13 -21.83
C SER A 468 0.86 -2.83 -20.50
N THR A 469 0.16 -1.72 -20.44
CA THR A 469 -0.62 -1.38 -19.25
C THR A 469 -1.69 -2.46 -18.97
N ILE A 470 -2.32 -2.99 -20.02
CA ILE A 470 -3.27 -4.13 -19.86
C ILE A 470 -2.54 -5.34 -19.26
N GLY A 471 -1.39 -5.68 -19.82
CA GLY A 471 -0.60 -6.81 -19.34
C GLY A 471 -0.20 -6.67 -17.87
N ARG A 472 0.19 -5.46 -17.49
CA ARG A 472 0.61 -5.17 -16.11
C ARG A 472 -0.55 -5.36 -15.13
N THR A 473 -1.73 -4.94 -15.56
CA THR A 473 -2.95 -5.07 -14.78
C THR A 473 -3.37 -6.55 -14.67
N LEU A 474 -3.27 -7.27 -15.79
CA LEU A 474 -3.53 -8.71 -15.84
C LEU A 474 -2.65 -9.49 -14.86
N ALA A 475 -1.35 -9.23 -14.91
CA ALA A 475 -0.38 -9.95 -14.06
C ALA A 475 -0.70 -9.83 -12.57
N ARG A 476 -1.13 -8.64 -12.16
CA ARG A 476 -1.53 -8.39 -10.77
C ARG A 476 -2.70 -9.29 -10.38
N ALA A 477 -3.71 -9.37 -11.24
CA ALA A 477 -4.88 -10.22 -10.96
C ALA A 477 -4.48 -11.70 -10.89
N LEU A 478 -3.68 -12.13 -11.84
CA LEU A 478 -3.21 -13.53 -11.85
C LEU A 478 -2.41 -13.85 -10.60
N GLU A 479 -1.56 -12.92 -10.18
CA GLU A 479 -0.75 -13.09 -8.98
C GLU A 479 -1.62 -13.22 -7.72
N SER A 480 -2.65 -12.39 -7.63
CA SER A 480 -3.60 -12.50 -6.52
C SER A 480 -4.19 -13.92 -6.48
N GLN A 481 -4.63 -14.42 -7.63
CA GLN A 481 -5.18 -15.77 -7.70
C GLN A 481 -4.17 -16.81 -7.22
N TYR A 482 -2.94 -16.69 -7.71
CA TYR A 482 -1.88 -17.66 -7.41
C TYR A 482 -1.54 -17.63 -5.92
N CYS A 483 -1.47 -16.41 -5.35
CA CYS A 483 -1.20 -16.26 -3.91
C CYS A 483 -2.28 -16.92 -3.04
N GLY A 484 -3.54 -16.77 -3.45
CA GLY A 484 -4.65 -17.41 -2.75
C GLY A 484 -4.51 -18.93 -2.77
N GLU A 485 -4.19 -19.46 -3.94
CA GLU A 485 -3.98 -20.91 -4.11
C GLU A 485 -2.81 -21.41 -3.25
N MET A 486 -1.69 -20.68 -3.26
CA MET A 486 -0.52 -21.08 -2.47
C MET A 486 -0.78 -21.11 -0.97
N MET A 487 -1.44 -20.09 -0.41
CA MET A 487 -1.62 -20.05 1.04
C MET A 487 -2.62 -21.11 1.53
N HIS A 488 -3.48 -21.55 0.63
CA HIS A 488 -4.35 -22.70 0.87
C HIS A 488 -3.50 -23.96 1.14
N SER A 489 -2.47 -24.16 0.33
CA SER A 489 -1.51 -25.25 0.55
C SER A 489 -0.68 -25.03 1.82
N ASP A 490 -0.24 -23.79 2.05
CA ASP A 490 0.53 -23.45 3.26
C ASP A 490 -0.25 -23.79 4.53
N TRP A 491 -1.56 -23.52 4.50
CA TRP A 491 -2.41 -23.80 5.64
C TRP A 491 -2.42 -25.30 5.96
N HIS A 492 -2.54 -26.12 4.92
CA HIS A 492 -2.49 -27.57 5.09
C HIS A 492 -1.15 -28.03 5.69
N ASP A 493 -0.06 -27.45 5.18
CA ASP A 493 1.27 -27.79 5.69
C ASP A 493 1.43 -27.39 7.17
N LEU A 494 0.86 -26.24 7.53
CA LEU A 494 0.92 -25.73 8.90
C LEU A 494 0.19 -26.68 9.85
N VAL A 495 -1.05 -27.00 9.52
CA VAL A 495 -1.85 -27.90 10.37
C VAL A 495 -1.18 -29.27 10.47
N ALA A 496 -0.69 -29.80 9.34
CA ALA A 496 0.01 -31.09 9.34
C ALA A 496 1.22 -31.08 10.28
N ASN A 497 2.00 -30.01 10.26
CA ASN A 497 3.20 -29.91 11.09
C ASN A 497 2.85 -29.86 12.57
N ILE A 498 1.82 -29.09 12.90
CA ILE A 498 1.36 -28.95 14.28
C ILE A 498 0.90 -30.31 14.82
N ARG A 499 0.09 -31.02 14.04
CA ARG A 499 -0.47 -32.31 14.45
C ARG A 499 0.60 -33.40 14.56
N ALA A 500 1.69 -33.24 13.80
CA ALA A 500 2.86 -34.14 13.89
C ALA A 500 3.64 -33.95 15.20
N GLY A 501 3.30 -32.91 15.96
CA GLY A 501 3.90 -32.67 17.27
C GLY A 501 4.76 -31.42 17.34
N ASP A 502 4.98 -30.74 16.21
CA ASP A 502 5.78 -29.52 16.20
C ASP A 502 4.91 -28.29 16.39
N THR A 503 4.86 -27.77 17.61
CA THR A 503 4.08 -26.57 17.91
C THR A 503 4.93 -25.31 18.04
N ALA A 504 6.23 -25.40 17.76
CA ALA A 504 7.12 -24.25 17.94
C ALA A 504 6.77 -23.08 17.03
N THR A 505 6.80 -21.87 17.59
CA THR A 505 6.57 -20.63 16.84
C THR A 505 7.71 -19.60 16.96
N ALA A 506 8.66 -19.80 17.87
CA ALA A 506 9.77 -18.85 18.00
C ALA A 506 11.07 -19.51 18.41
N ASN A 507 12.15 -19.11 17.75
CA ASN A 507 13.51 -19.45 18.13
C ASN A 507 14.04 -18.26 18.91
N VAL A 508 14.28 -18.46 20.20
CA VAL A 508 14.73 -17.40 21.10
C VAL A 508 16.20 -17.51 21.51
N ASP A 509 16.95 -18.44 20.89
CA ASP A 509 18.38 -18.67 21.21
C ASP A 509 19.20 -17.38 21.16
N LYS A 510 18.87 -16.50 20.21
CA LYS A 510 19.58 -15.24 20.02
C LYS A 510 18.70 -14.00 20.23
N TRP A 511 17.70 -14.14 21.10
CA TRP A 511 16.86 -12.99 21.43
C TRP A 511 17.66 -11.95 22.22
N ASP A 512 18.51 -12.43 23.14
CA ASP A 512 19.27 -11.54 23.99
C ASP A 512 20.49 -10.97 23.26
N PRO A 513 20.65 -9.63 23.24
CA PRO A 513 21.78 -9.00 22.56
C PRO A 513 23.17 -9.47 23.01
N ALA A 514 23.28 -9.96 24.24
CA ALA A 514 24.54 -10.50 24.74
C ALA A 514 25.04 -11.71 23.95
N THR A 515 24.14 -12.38 23.24
CA THR A 515 24.49 -13.54 22.40
C THR A 515 24.93 -13.16 20.98
N TRP A 516 24.79 -11.88 20.62
CA TRP A 516 25.04 -11.45 19.24
C TRP A 516 26.51 -11.20 18.95
N PRO A 517 26.91 -11.38 17.67
CA PRO A 517 28.20 -10.85 17.27
C PRO A 517 28.17 -9.33 17.43
N LEU A 518 29.29 -8.75 17.85
N LEU A 518 29.29 -8.75 17.85
CA LEU A 518 29.39 -7.31 18.13
CA LEU A 518 29.38 -7.31 18.12
C LEU A 518 29.27 -6.46 16.86
C LEU A 518 29.27 -6.46 16.86
N GLN A 519 29.57 -7.06 15.71
CA GLN A 519 29.32 -6.43 14.40
C GLN A 519 28.66 -7.46 13.52
N ALA A 520 27.70 -7.02 12.71
CA ALA A 520 27.02 -7.92 11.79
C ALA A 520 26.28 -7.16 10.71
N LYS A 521 26.03 -7.84 9.60
CA LYS A 521 25.21 -7.27 8.55
C LYS A 521 24.26 -8.33 8.04
N GLY A 522 23.10 -7.89 7.57
CA GLY A 522 22.09 -8.77 7.05
C GLY A 522 21.25 -8.11 5.97
N VAL A 523 20.60 -8.94 5.17
CA VAL A 523 19.65 -8.48 4.17
C VAL A 523 18.41 -9.37 4.24
N GLY A 524 17.25 -8.73 4.11
CA GLY A 524 15.96 -9.42 4.04
C GLY A 524 15.29 -8.94 2.76
N THR A 525 14.88 -9.88 1.91
CA THR A 525 14.12 -9.55 0.69
C THR A 525 12.73 -10.14 0.77
N VAL A 526 11.82 -9.48 0.06
CA VAL A 526 10.41 -9.84 -0.01
C VAL A 526 9.90 -9.49 -1.40
N ALA A 527 9.11 -10.39 -1.99
CA ALA A 527 8.36 -10.05 -3.20
C ALA A 527 7.08 -9.39 -2.71
N ALA A 528 7.19 -8.09 -2.47
CA ALA A 528 6.08 -7.30 -1.98
C ALA A 528 5.07 -7.12 -3.12
N PRO A 529 3.83 -6.70 -2.80
CA PRO A 529 2.80 -6.51 -3.83
C PRO A 529 3.23 -5.74 -5.08
N ARG A 530 4.11 -4.76 -4.92
CA ARG A 530 4.50 -3.88 -6.02
C ARG A 530 5.85 -4.24 -6.65
N GLY A 531 6.50 -5.29 -6.16
CA GLY A 531 7.77 -5.75 -6.72
C GLY A 531 8.81 -6.15 -5.72
N ALA A 532 10.07 -5.83 -6.03
CA ALA A 532 11.23 -6.27 -5.27
C ALA A 532 11.54 -5.36 -4.08
N LEU A 533 11.42 -5.90 -2.87
CA LEU A 533 11.67 -5.16 -1.64
C LEU A 533 12.89 -5.74 -0.95
N GLY A 534 13.80 -4.86 -0.54
CA GLY A 534 14.95 -5.24 0.27
C GLY A 534 15.20 -4.28 1.44
N HIS A 535 15.57 -4.84 2.58
CA HIS A 535 16.09 -4.11 3.74
C HIS A 535 17.50 -4.63 4.01
N TRP A 536 18.45 -3.71 4.09
CA TRP A 536 19.85 -4.03 4.39
C TRP A 536 20.23 -3.36 5.74
N ILE A 537 20.72 -4.15 6.68
CA ILE A 537 21.04 -3.67 8.03
C ILE A 537 22.50 -3.94 8.40
N ARG A 538 23.09 -2.99 9.10
CA ARG A 538 24.37 -3.15 9.80
C ARG A 538 24.10 -2.94 11.28
N ILE A 539 24.55 -3.92 12.08
CA ILE A 539 24.42 -3.93 13.53
C ILE A 539 25.79 -3.73 14.14
N LYS A 540 25.87 -2.87 15.15
CA LYS A 540 27.11 -2.63 15.88
C LYS A 540 26.80 -2.44 17.37
N ASP A 541 27.42 -3.28 18.22
CA ASP A 541 27.26 -3.18 19.68
C ASP A 541 25.78 -3.19 20.08
N GLY A 542 25.02 -4.09 19.47
CA GLY A 542 23.61 -4.28 19.78
C GLY A 542 22.67 -3.24 19.18
N ARG A 543 23.19 -2.25 18.45
CA ARG A 543 22.41 -1.16 17.87
C ARG A 543 22.47 -1.13 16.34
N ILE A 544 21.50 -0.43 15.76
CA ILE A 544 21.47 -0.24 14.31
C ILE A 544 22.50 0.79 13.88
N GLU A 545 23.50 0.36 13.12
CA GLU A 545 24.51 1.27 12.58
C GLU A 545 24.02 1.91 11.30
N ASN A 546 23.49 1.09 10.39
CA ASN A 546 22.92 1.55 9.14
C ASN A 546 21.69 0.70 8.83
N TYR A 547 20.67 1.34 8.27
CA TYR A 547 19.48 0.62 7.85
C TYR A 547 18.98 1.28 6.57
N GLN A 548 19.04 0.56 5.47
CA GLN A 548 18.68 1.11 4.16
C GLN A 548 17.62 0.23 3.50
N CYS A 549 16.58 0.89 3.00
CA CYS A 549 15.47 0.23 2.32
C CYS A 549 15.50 0.60 0.85
N VAL A 550 15.36 -0.40 -0.02
CA VAL A 550 15.14 -0.17 -1.45
C VAL A 550 13.82 -0.87 -1.74
N VAL A 551 12.83 -0.08 -2.14
CA VAL A 551 11.42 -0.49 -2.11
C VAL A 551 10.91 -0.59 -3.56
N PRO A 552 9.87 -1.43 -3.85
CA PRO A 552 9.51 -1.61 -5.26
C PRO A 552 9.19 -0.31 -6.02
N THR A 553 8.44 0.60 -5.40
CA THR A 553 8.12 1.86 -6.04
C THR A 553 9.36 2.77 -6.14
N THR A 554 10.37 2.54 -5.30
CA THR A 554 11.66 3.25 -5.47
C THR A 554 12.21 2.87 -6.86
N TRP A 555 12.19 1.58 -7.19
CA TRP A 555 12.62 1.13 -8.51
C TRP A 555 11.76 1.79 -9.61
N ASN A 556 10.45 1.54 -9.55
CA ASN A 556 9.56 1.92 -10.63
C ASN A 556 9.41 3.43 -10.80
N GLY A 557 9.27 4.14 -9.68
CA GLY A 557 9.06 5.59 -9.73
C GLY A 557 10.33 6.41 -9.76
N SER A 558 11.50 5.76 -9.82
CA SER A 558 12.78 6.48 -9.77
C SER A 558 12.97 7.57 -10.80
N PRO A 559 13.70 8.62 -10.42
CA PRO A 559 14.09 9.60 -11.41
C PRO A 559 15.29 9.08 -12.20
N ARG A 560 15.78 9.91 -13.10
CA ARG A 560 16.93 9.54 -13.95
C ARG A 560 18.21 9.32 -13.15
N ASP A 561 19.08 8.46 -13.66
CA ASP A 561 20.32 8.11 -12.95
C ASP A 561 21.46 8.98 -13.47
N TYR A 562 22.70 8.64 -13.12
CA TYR A 562 23.85 9.45 -13.54
C TYR A 562 23.99 9.48 -15.06
N LYS A 563 23.68 8.34 -15.69
CA LYS A 563 23.73 8.22 -17.15
C LYS A 563 22.52 8.83 -17.88
N GLY A 564 21.54 9.33 -17.13
CA GLY A 564 20.33 9.90 -17.71
C GLY A 564 19.29 8.86 -18.10
N GLN A 565 19.48 7.60 -17.70
CA GLN A 565 18.50 6.54 -18.02
C GLN A 565 17.23 6.73 -17.21
N ILE A 566 16.10 6.49 -17.86
CA ILE A 566 14.78 6.66 -17.22
C ILE A 566 14.29 5.38 -16.54
N GLY A 567 13.51 5.58 -15.47
CA GLY A 567 12.86 4.49 -14.74
C GLY A 567 11.54 4.07 -15.35
N ALA A 568 10.92 3.08 -14.72
CA ALA A 568 9.74 2.42 -15.30
C ALA A 568 8.53 3.35 -15.52
N PHE A 569 8.23 4.20 -14.55
CA PHE A 569 7.08 5.14 -14.68
C PHE A 569 7.27 6.02 -15.92
N GLU A 570 8.44 6.65 -16.00
CA GLU A 570 8.72 7.62 -17.07
C GLU A 570 8.69 6.90 -18.43
N ALA A 571 9.33 5.73 -18.52
CA ALA A 571 9.30 4.95 -19.76
C ALA A 571 7.88 4.51 -20.16
N SER A 572 7.05 4.15 -19.17
CA SER A 572 5.70 3.65 -19.44
C SER A 572 4.78 4.71 -20.05
N LEU A 573 5.01 5.97 -19.69
CA LEU A 573 4.19 7.07 -20.21
C LEU A 573 4.58 7.49 -21.64
N MET A 574 5.85 7.30 -22.00
CA MET A 574 6.32 7.61 -23.35
C MET A 574 5.47 6.95 -24.44
N ASN A 575 5.36 7.64 -25.57
CA ASN A 575 4.77 7.08 -26.79
C ASN A 575 3.26 6.81 -26.63
N THR A 576 2.59 7.57 -25.77
CA THR A 576 1.17 7.39 -25.47
C THR A 576 0.36 8.60 -25.92
N PRO A 577 -0.64 8.37 -26.78
CA PRO A 577 -1.52 9.48 -27.15
C PRO A 577 -2.50 9.82 -26.02
N MET A 578 -2.81 11.10 -25.91
CA MET A 578 -3.83 11.59 -24.99
C MET A 578 -5.00 12.12 -25.79
N VAL A 579 -6.22 11.72 -25.40
CA VAL A 579 -7.44 12.20 -26.06
C VAL A 579 -7.55 13.71 -25.83
N ASN A 580 -7.30 14.13 -24.59
CA ASN A 580 -7.39 15.52 -24.22
C ASN A 580 -6.23 15.82 -23.27
N PRO A 581 -5.26 16.65 -23.70
CA PRO A 581 -4.09 16.88 -22.85
C PRO A 581 -4.37 17.48 -21.47
N GLU A 582 -5.53 18.11 -21.30
CA GLU A 582 -5.95 18.69 -20.02
C GLU A 582 -6.71 17.72 -19.11
N GLN A 583 -6.91 16.48 -19.56
CA GLN A 583 -7.53 15.43 -18.76
C GLN A 583 -6.53 14.28 -18.71
N PRO A 584 -5.95 14.00 -17.53
CA PRO A 584 -4.87 13.02 -17.43
C PRO A 584 -5.32 11.55 -17.41
N VAL A 585 -6.35 11.19 -18.18
CA VAL A 585 -6.93 9.84 -18.12
C VAL A 585 -5.89 8.74 -18.42
N GLU A 586 -5.13 8.93 -19.49
CA GLU A 586 -4.17 7.93 -19.92
C GLU A 586 -2.99 7.87 -18.98
N ILE A 587 -2.59 9.04 -18.47
CA ILE A 587 -1.48 9.14 -17.51
C ILE A 587 -1.82 8.35 -16.26
N LEU A 588 -3.02 8.59 -15.73
CA LEU A 588 -3.49 7.89 -14.55
C LEU A 588 -3.60 6.40 -14.81
N ARG A 589 -4.19 6.03 -15.95
CA ARG A 589 -4.39 4.60 -16.26
C ARG A 589 -3.07 3.82 -16.24
N THR A 590 -2.05 4.38 -16.86
CA THR A 590 -0.74 3.71 -16.93
C THR A 590 0.01 3.79 -15.60
N LEU A 591 0.08 4.98 -15.00
CA LEU A 591 0.75 5.09 -13.72
C LEU A 591 0.12 4.17 -12.69
N HIS A 592 -1.22 4.15 -12.62
CA HIS A 592 -1.93 3.29 -11.68
C HIS A 592 -1.68 1.81 -11.94
N SER A 593 -1.37 1.42 -13.18
CA SER A 593 -1.08 0.02 -13.47
C SER A 593 0.17 -0.48 -12.73
N PHE A 594 1.06 0.43 -12.30
CA PHE A 594 2.19 0.09 -11.42
C PHE A 594 1.83 0.05 -9.94
N ASP A 595 0.61 0.50 -9.60
CA ASP A 595 0.15 0.55 -8.22
C ASP A 595 1.15 1.35 -7.39
N PRO A 596 1.36 2.64 -7.74
CA PRO A 596 2.40 3.42 -7.04
C PRO A 596 2.12 3.58 -5.55
N LEU A 598 3.85 5.80 -2.86
CA LEU A 598 4.86 6.85 -2.74
C LEU A 598 5.51 6.93 -1.37
N ALA A 599 4.76 6.59 -0.32
CA ALA A 599 5.32 6.48 1.02
C ALA A 599 6.39 5.39 1.03
N CYS A 600 6.08 4.24 0.42
CA CYS A 600 7.06 3.19 0.23
C CYS A 600 8.30 3.66 -0.52
N SER A 601 8.07 4.36 -1.61
CA SER A 601 9.16 4.74 -2.51
C SER A 601 10.22 5.61 -1.86
N THR A 602 9.78 6.43 -0.89
CA THR A 602 10.60 7.46 -0.27
C THR A 602 11.01 7.13 1.17
N HIS A 603 10.09 6.55 1.94
CA HIS A 603 10.33 6.12 3.33
C HIS A 603 11.13 7.14 4.16
N PRO B 5 -29.18 16.23 2.41
CA PRO B 5 -27.87 16.90 2.33
C PRO B 5 -26.84 16.28 3.28
N ARG B 6 -25.86 15.55 2.72
CA ARG B 6 -24.85 14.85 3.51
C ARG B 6 -23.68 15.77 3.82
N THR B 7 -23.16 15.68 5.04
CA THR B 7 -22.07 16.57 5.48
C THR B 7 -20.79 16.31 4.67
N PRO B 8 -20.24 17.35 4.00
CA PRO B 8 -18.99 17.18 3.28
C PRO B 8 -17.81 16.91 4.19
N VAL B 9 -16.97 15.97 3.77
CA VAL B 9 -15.71 15.67 4.43
C VAL B 9 -14.60 15.91 3.41
N LEU B 10 -13.67 16.78 3.77
CA LEU B 10 -12.44 16.99 2.99
C LEU B 10 -11.33 16.31 3.79
N TRP B 11 -10.87 15.17 3.25
CA TRP B 11 -9.88 14.30 3.89
C TRP B 11 -8.51 14.59 3.23
N LEU B 12 -7.64 15.29 3.95
CA LEU B 12 -6.30 15.61 3.50
C LEU B 12 -5.31 14.58 4.01
N HIS B 13 -4.22 14.45 3.23
CA HIS B 13 -3.11 13.56 3.53
CA HIS B 13 -3.11 13.56 3.54
C HIS B 13 -1.80 14.36 3.59
N GLY B 14 -1.14 14.35 4.74
CA GLY B 14 0.18 14.98 4.89
C GLY B 14 1.25 13.91 4.75
N LEU B 15 2.25 13.95 5.63
CA LEU B 15 3.20 12.84 5.74
C LEU B 15 2.52 11.74 6.50
N GLU B 16 2.40 10.57 5.88
CA GLU B 16 1.65 9.44 6.44
C GLU B 16 1.97 8.15 5.70
N CYS B 17 1.46 7.04 6.24
CA CYS B 17 1.60 5.73 5.62
C CYS B 17 0.31 5.22 4.98
N THR B 18 -0.79 5.96 5.18
CA THR B 18 -2.12 5.62 4.67
C THR B 18 -2.80 4.47 5.41
N GLY B 19 -2.20 4.02 6.52
CA GLY B 19 -2.81 3.00 7.36
C GLY B 19 -4.11 3.45 8.01
N CYS B 20 -4.25 4.75 8.25
CA CYS B 20 -5.48 5.29 8.83
C CYS B 20 -6.65 5.21 7.82
N SER B 21 -6.41 5.59 6.56
CA SER B 21 -7.41 5.38 5.51
C SER B 21 -7.79 3.90 5.39
N GLU B 22 -6.80 3.02 5.41
CA GLU B 22 -7.04 1.57 5.32
C GLU B 22 -7.88 1.08 6.48
N SER B 23 -7.56 1.51 7.71
CA SER B 23 -8.35 1.11 8.86
C SER B 23 -9.80 1.54 8.73
N PHE B 24 -10.01 2.79 8.34
CA PHE B 24 -11.36 3.34 8.15
C PHE B 24 -12.21 2.43 7.25
N ILE B 25 -11.66 1.98 6.12
CA ILE B 25 -12.44 1.13 5.22
C ILE B 25 -12.64 -0.32 5.70
N ARG B 26 -12.03 -0.70 6.82
CA ARG B 26 -12.31 -2.02 7.43
C ARG B 26 -13.59 -2.02 8.27
N SER B 27 -14.16 -0.85 8.57
CA SER B 27 -15.31 -0.79 9.48
C SER B 27 -16.46 -1.68 9.02
N ALA B 28 -16.98 -2.47 9.96
CA ALA B 28 -18.14 -3.34 9.69
C ALA B 28 -19.46 -2.71 10.13
N HIS B 29 -19.41 -1.87 11.17
CA HIS B 29 -20.59 -1.25 11.75
C HIS B 29 -20.30 0.20 12.11
N PRO B 30 -20.57 1.14 11.20
CA PRO B 30 -21.13 0.98 9.87
C PRO B 30 -20.11 0.59 8.80
N LEU B 31 -20.61 0.03 7.70
CA LEU B 31 -19.78 -0.23 6.53
C LEU B 31 -19.28 1.10 5.96
N ALA B 32 -18.02 1.16 5.55
CA ALA B 32 -17.48 2.36 4.91
C ALA B 32 -18.27 2.71 3.64
N LYS B 33 -18.74 1.69 2.92
CA LYS B 33 -19.60 1.89 1.74
C LYS B 33 -20.82 2.73 2.11
N ASP B 34 -21.44 2.41 3.24
CA ASP B 34 -22.62 3.12 3.72
C ASP B 34 -22.27 4.51 4.22
N VAL B 35 -21.11 4.65 4.87
CA VAL B 35 -20.62 5.97 5.27
C VAL B 35 -20.49 6.90 4.04
N VAL B 36 -19.79 6.42 3.02
CA VAL B 36 -19.53 7.20 1.80
C VAL B 36 -20.79 7.49 0.99
N LEU B 37 -21.68 6.51 0.84
CA LEU B 37 -22.87 6.69 -0.01
C LEU B 37 -24.07 7.35 0.69
N SER B 38 -24.19 7.15 2.01
CA SER B 38 -25.40 7.54 2.74
C SER B 38 -25.21 8.51 3.92
N MET B 39 -23.98 8.69 4.41
CA MET B 39 -23.77 9.46 5.65
C MET B 39 -23.02 10.78 5.42
N ILE B 40 -21.86 10.70 4.79
CA ILE B 40 -21.06 11.88 4.48
C ILE B 40 -21.03 12.08 2.97
N SER B 41 -20.48 13.21 2.56
CA SER B 41 -20.07 13.43 1.17
C SER B 41 -18.54 13.54 1.16
N LEU B 42 -17.88 12.44 0.81
CA LEU B 42 -16.41 12.39 0.78
C LEU B 42 -15.94 13.06 -0.52
N ASP B 43 -15.72 14.37 -0.44
CA ASP B 43 -15.52 15.22 -1.63
C ASP B 43 -14.06 15.36 -2.04
N TYR B 44 -13.14 15.17 -1.10
CA TYR B 44 -11.72 15.16 -1.40
C TYR B 44 -11.07 14.08 -0.55
N ASP B 45 -10.32 13.22 -1.23
CA ASP B 45 -9.61 12.11 -0.58
C ASP B 45 -8.71 11.50 -1.66
N ASP B 46 -7.41 11.76 -1.56
CA ASP B 46 -6.42 11.26 -2.55
C ASP B 46 -6.51 9.77 -2.85
N THR B 47 -6.82 8.97 -1.83
CA THR B 47 -6.84 7.53 -1.96
C THR B 47 -7.91 7.01 -2.94
N LEU B 48 -9.06 7.67 -2.96
CA LEU B 48 -10.24 7.15 -3.66
C LEU B 48 -10.81 8.04 -4.76
N MET B 49 -10.46 9.32 -4.78
CA MET B 49 -11.15 10.27 -5.68
C MET B 49 -10.82 10.09 -7.16
N ALA B 50 -11.83 10.28 -8.00
CA ALA B 50 -11.69 10.17 -9.46
C ALA B 50 -10.73 11.23 -10.04
N ALA B 51 -10.96 12.47 -9.65
CA ALA B 51 -10.21 13.61 -10.17
C ALA B 51 -8.76 13.64 -9.67
N ALA B 52 -7.90 14.17 -10.51
CA ALA B 52 -6.49 14.39 -10.18
C ALA B 52 -6.09 15.81 -10.50
N GLY B 53 -4.90 16.21 -10.06
CA GLY B 53 -4.28 17.46 -10.48
C GLY B 53 -5.18 18.67 -10.30
N HIS B 54 -5.34 19.44 -11.38
CA HIS B 54 -6.12 20.69 -11.36
C HIS B 54 -7.59 20.46 -10.99
N GLN B 55 -8.14 19.33 -11.45
CA GLN B 55 -9.56 19.02 -11.24
C GLN B 55 -9.79 18.66 -9.78
N ALA B 56 -8.81 18.03 -9.17
CA ALA B 56 -8.87 17.67 -7.75
C ALA B 56 -8.79 18.94 -6.91
N GLU B 57 -7.81 19.78 -7.22
N GLU B 57 -7.79 19.78 -7.21
CA GLU B 57 -7.60 21.05 -6.52
CA GLU B 57 -7.60 21.04 -6.50
C GLU B 57 -8.83 21.95 -6.54
C GLU B 57 -8.84 21.94 -6.54
N ALA B 58 -9.51 22.00 -7.69
CA ALA B 58 -10.73 22.81 -7.85
C ALA B 58 -11.88 22.38 -6.93
N ILE B 59 -11.95 21.10 -6.55
CA ILE B 59 -12.98 20.63 -5.62
C ILE B 59 -12.91 21.37 -4.28
N LEU B 60 -11.69 21.59 -3.76
CA LEU B 60 -11.52 22.22 -2.44
C LEU B 60 -12.21 23.57 -2.35
N GLU B 61 -11.88 24.48 -3.28
N GLU B 61 -11.90 24.48 -3.28
CA GLU B 61 -12.50 25.81 -3.32
CA GLU B 61 -12.51 25.81 -3.26
C GLU B 61 -14.02 25.75 -3.43
C GLU B 61 -14.04 25.74 -3.43
N GLU B 62 -14.51 24.82 -4.26
CA GLU B 62 -15.94 24.67 -4.48
C GLU B 62 -16.67 24.27 -3.21
N ILE B 63 -16.16 23.26 -2.51
CA ILE B 63 -16.83 22.80 -1.29
C ILE B 63 -16.70 23.83 -0.16
N MET B 64 -15.52 24.43 -0.06
CA MET B 64 -15.27 25.44 0.99
C MET B 64 -16.19 26.66 0.87
N THR B 65 -16.49 27.04 -0.37
CA THR B 65 -17.40 28.15 -0.63
C THR B 65 -18.86 27.77 -0.32
N LYS B 66 -19.33 26.68 -0.93
CA LYS B 66 -20.72 26.26 -0.79
C LYS B 66 -21.07 25.80 0.62
N TYR B 67 -20.11 25.20 1.32
CA TYR B 67 -20.37 24.66 2.66
C TYR B 67 -19.52 25.30 3.76
N LYS B 68 -19.19 26.58 3.59
CA LYS B 68 -18.39 27.36 4.54
C LYS B 68 -18.89 27.17 5.97
N GLY B 69 -18.00 26.71 6.84
CA GLY B 69 -18.34 26.47 8.23
C GLY B 69 -19.32 25.34 8.43
N ASN B 70 -19.43 24.46 7.43
CA ASN B 70 -20.31 23.30 7.51
C ASN B 70 -19.74 22.03 6.88
N TYR B 71 -18.41 21.98 6.77
CA TYR B 71 -17.73 20.76 6.34
C TYR B 71 -16.78 20.32 7.44
N ILE B 72 -16.47 19.03 7.43
CA ILE B 72 -15.49 18.46 8.33
C ILE B 72 -14.17 18.34 7.58
N LEU B 73 -13.10 18.82 8.21
CA LEU B 73 -11.75 18.56 7.72
C LEU B 73 -11.22 17.38 8.51
N ALA B 74 -10.88 16.31 7.78
CA ALA B 74 -10.22 15.14 8.34
C ALA B 74 -8.77 15.19 7.86
N VAL B 75 -7.83 15.09 8.79
CA VAL B 75 -6.41 15.10 8.44
C VAL B 75 -5.76 13.78 8.83
N GLU B 76 -5.17 13.14 7.83
CA GLU B 76 -4.34 11.95 8.00
C GLU B 76 -2.91 12.41 7.76
N GLY B 77 -1.99 12.00 8.61
CA GLY B 77 -0.62 12.46 8.48
C GLY B 77 -0.41 13.83 9.10
N ASN B 78 0.75 14.42 8.79
CA ASN B 78 1.14 15.70 9.39
C ASN B 78 2.05 16.53 8.47
N PRO B 79 2.18 17.84 8.77
CA PRO B 79 3.08 18.71 8.01
C PRO B 79 4.51 18.71 8.52
N PRO B 80 5.49 18.65 7.60
CA PRO B 80 6.87 18.83 7.97
C PRO B 80 7.25 20.30 7.93
N LEU B 81 8.02 20.76 8.91
CA LEU B 81 8.49 22.16 8.95
C LEU B 81 9.90 22.35 8.38
N ASN B 82 10.70 21.29 8.30
CA ASN B 82 12.03 21.39 7.67
C ASN B 82 11.90 21.32 6.15
N GLN B 83 13.03 21.49 5.45
CA GLN B 83 13.06 21.49 3.98
C GLN B 83 12.11 22.55 3.40
N ASP B 84 11.91 23.65 4.13
CA ASP B 84 10.94 24.70 3.76
C ASP B 84 9.52 24.17 3.52
N GLY B 85 9.19 23.07 4.22
CA GLY B 85 7.91 22.39 4.06
C GLY B 85 7.80 21.50 2.84
N MET B 86 8.86 21.46 2.03
CA MET B 86 8.81 20.76 0.72
C MET B 86 9.23 19.28 0.80
N SER B 87 9.32 18.74 2.02
CA SER B 87 9.32 17.30 2.25
C SER B 87 7.90 16.74 2.19
N CYS B 88 6.90 17.60 2.01
CA CYS B 88 5.56 17.15 1.63
C CYS B 88 4.97 18.21 0.70
N ILE B 89 5.00 17.92 -0.59
CA ILE B 89 4.61 18.85 -1.64
C ILE B 89 3.26 18.44 -2.22
N ILE B 90 2.36 19.42 -2.30
N ILE B 90 2.33 19.40 -2.29
CA ILE B 90 1.05 19.25 -2.89
CA ILE B 90 1.05 19.16 -2.95
C ILE B 90 0.79 20.41 -3.83
C ILE B 90 0.74 20.37 -3.82
N GLY B 91 0.56 20.12 -5.12
CA GLY B 91 0.31 21.17 -6.10
C GLY B 91 1.49 22.13 -6.24
N GLY B 92 2.70 21.58 -6.10
CA GLY B 92 3.92 22.38 -6.13
C GLY B 92 4.17 23.27 -4.92
N ARG B 93 3.38 23.11 -3.85
CA ARG B 93 3.50 23.96 -2.65
C ARG B 93 3.55 23.09 -1.39
N PRO B 94 4.04 23.65 -0.26
CA PRO B 94 4.10 22.86 0.97
C PRO B 94 2.73 22.43 1.42
N PHE B 95 2.62 21.20 1.90
CA PHE B 95 1.36 20.70 2.46
C PHE B 95 0.79 21.65 3.53
N ILE B 96 1.67 22.24 4.34
CA ILE B 96 1.23 23.12 5.43
C ILE B 96 0.33 24.26 4.93
N GLU B 97 0.58 24.73 3.70
CA GLU B 97 -0.27 25.76 3.10
C GLU B 97 -1.68 25.21 2.77
N GLN B 98 -1.76 23.99 2.26
CA GLN B 98 -3.07 23.38 2.00
C GLN B 98 -3.84 23.14 3.29
N LEU B 99 -3.14 22.66 4.32
CA LEU B 99 -3.74 22.40 5.62
C LEU B 99 -4.35 23.66 6.22
N LYS B 100 -3.56 24.73 6.27
N LYS B 100 -3.56 24.73 6.27
CA LYS B 100 -4.02 26.00 6.83
CA LYS B 100 -4.02 26.01 6.82
C LYS B 100 -5.18 26.59 6.03
C LYS B 100 -5.18 26.59 6.03
N TYR B 101 -5.13 26.47 4.71
CA TYR B 101 -6.18 26.96 3.83
C TYR B 101 -7.51 26.23 4.08
N VAL B 102 -7.50 24.90 4.06
CA VAL B 102 -8.74 24.13 4.25
C VAL B 102 -9.27 24.23 5.70
N ALA B 103 -8.36 24.33 6.66
CA ALA B 103 -8.74 24.44 8.06
C ALA B 103 -9.55 25.70 8.40
N LYS B 104 -9.30 26.78 7.68
CA LYS B 104 -9.85 28.09 8.06
C LYS B 104 -11.39 28.14 8.11
N ASP B 105 -12.06 27.41 7.23
CA ASP B 105 -13.54 27.41 7.19
C ASP B 105 -14.20 26.09 7.61
N ALA B 106 -13.43 25.21 8.23
CA ALA B 106 -13.96 23.94 8.70
C ALA B 106 -14.86 24.13 9.92
N LYS B 107 -15.94 23.34 9.98
CA LYS B 107 -16.81 23.25 11.16
C LYS B 107 -16.10 22.51 12.30
N ALA B 108 -15.37 21.45 11.95
CA ALA B 108 -14.61 20.65 12.90
C ALA B 108 -13.39 20.07 12.20
N ILE B 109 -12.37 19.74 12.99
CA ILE B 109 -11.13 19.12 12.48
C ILE B 109 -10.87 17.82 13.23
N ILE B 110 -10.76 16.72 12.48
CA ILE B 110 -10.40 15.42 13.02
C ILE B 110 -8.95 15.15 12.68
N SER B 111 -8.15 14.90 13.71
CA SER B 111 -6.78 14.44 13.53
C SER B 111 -6.81 12.91 13.60
N TRP B 112 -6.79 12.28 12.43
CA TRP B 112 -6.79 10.82 12.34
C TRP B 112 -5.45 10.28 12.75
N GLY B 113 -5.47 9.36 13.71
CA GLY B 113 -4.30 8.59 14.06
C GLY B 113 -3.21 9.33 14.81
N SER B 114 -2.17 8.58 15.15
CA SER B 114 -1.03 9.15 15.87
C SER B 114 -0.28 10.20 15.04
N CYS B 115 -0.24 10.05 13.71
CA CYS B 115 0.47 11.03 12.86
C CYS B 115 -0.11 12.42 13.06
N ALA B 116 -1.41 12.53 12.82
CA ALA B 116 -2.05 13.84 12.91
C ALA B 116 -2.18 14.30 14.35
N SER B 117 -2.39 13.37 15.29
CA SER B 117 -2.57 13.69 16.70
C SER B 117 -1.28 14.12 17.40
N TRP B 118 -0.19 13.39 17.14
CA TRP B 118 1.04 13.57 17.92
C TRP B 118 2.35 13.66 17.11
N GLY B 119 2.41 13.06 15.92
CA GLY B 119 3.65 13.04 15.13
C GLY B 119 3.94 11.69 14.55
N CYS B 120 3.72 10.65 15.35
CA CYS B 120 3.97 9.24 15.02
C CYS B 120 5.40 9.00 14.52
N VAL B 121 5.58 8.08 13.58
CA VAL B 121 6.91 7.51 13.34
C VAL B 121 7.89 8.52 12.79
N GLN B 122 7.43 9.37 11.86
CA GLN B 122 8.30 10.39 11.29
C GLN B 122 8.76 11.45 12.29
N ALA B 123 8.02 11.60 13.40
CA ALA B 123 8.38 12.54 14.44
C ALA B 123 9.27 11.91 15.51
N ALA B 124 9.52 10.61 15.41
CA ALA B 124 10.46 9.95 16.30
C ALA B 124 11.89 10.49 16.06
N LYS B 125 12.74 10.42 17.09
CA LYS B 125 14.07 11.01 17.03
C LYS B 125 14.88 10.46 15.85
N PRO B 126 15.58 11.34 15.11
CA PRO B 126 15.76 12.78 15.32
C PRO B 126 14.78 13.68 14.51
N ASN B 127 13.68 13.10 14.03
CA ASN B 127 12.65 13.85 13.27
C ASN B 127 13.27 14.71 12.17
N PRO B 128 13.83 14.07 11.14
CA PRO B 128 14.55 14.82 10.10
C PRO B 128 13.72 15.87 9.34
N THR B 129 12.39 15.69 9.27
CA THR B 129 11.53 16.65 8.55
C THR B 129 10.83 17.65 9.47
N GLN B 130 11.09 17.57 10.78
CA GLN B 130 10.35 18.33 11.78
CA GLN B 130 10.36 18.35 11.78
C GLN B 130 8.84 18.19 11.54
N ALA B 131 8.40 16.94 11.44
CA ALA B 131 7.00 16.59 11.34
C ALA B 131 6.31 17.03 12.62
N THR B 132 5.17 17.69 12.47
CA THR B 132 4.52 18.39 13.56
C THR B 132 3.02 18.08 13.58
N PRO B 133 2.45 17.74 14.75
CA PRO B 133 1.01 17.41 14.78
C PRO B 133 0.13 18.61 14.45
N VAL B 134 -1.08 18.32 13.98
CA VAL B 134 -2.01 19.31 13.43
C VAL B 134 -2.30 20.43 14.45
N HIS B 135 -2.54 20.03 15.70
CA HIS B 135 -2.91 21.00 16.75
C HIS B 135 -1.80 22.03 17.11
N LYS B 136 -0.54 21.72 16.77
N LYS B 136 -0.54 21.72 16.77
CA LYS B 136 0.56 22.67 16.95
CA LYS B 136 0.56 22.67 16.97
C LYS B 136 0.69 23.66 15.80
C LYS B 136 0.69 23.66 15.80
N VAL B 137 0.01 23.37 14.68
CA VAL B 137 0.02 24.24 13.49
C VAL B 137 -1.29 25.02 13.39
N ILE B 138 -2.42 24.34 13.58
CA ILE B 138 -3.74 24.95 13.60
C ILE B 138 -4.13 25.14 15.07
N THR B 139 -3.99 26.38 15.55
CA THR B 139 -4.15 26.69 16.98
C THR B 139 -5.45 27.43 17.32
N ASP B 140 -6.28 27.70 16.31
CA ASP B 140 -7.50 28.52 16.50
C ASP B 140 -8.80 27.79 16.13
N LYS B 141 -8.79 26.46 16.14
CA LYS B 141 -9.95 25.65 15.75
C LYS B 141 -10.09 24.47 16.71
N PRO B 142 -11.32 23.97 16.89
CA PRO B 142 -11.52 22.79 17.74
C PRO B 142 -11.05 21.53 17.00
N ILE B 143 -10.11 20.81 17.61
CA ILE B 143 -9.56 19.59 17.01
C ILE B 143 -9.82 18.38 17.90
N ILE B 144 -10.36 17.32 17.30
CA ILE B 144 -10.53 16.03 17.98
C ILE B 144 -9.36 15.11 17.55
N LYS B 145 -8.65 14.58 18.53
CA LYS B 145 -7.56 13.65 18.28
C LYS B 145 -8.11 12.25 18.34
N VAL B 146 -7.80 11.42 17.34
CA VAL B 146 -8.20 10.02 17.31
C VAL B 146 -6.92 9.19 17.14
N PRO B 147 -6.16 9.04 18.22
CA PRO B 147 -4.83 8.43 18.11
C PRO B 147 -4.85 6.92 17.99
N GLY B 148 -3.68 6.38 17.68
CA GLY B 148 -3.51 4.97 17.37
C GLY B 148 -2.85 4.86 16.01
N CYS B 149 -2.15 3.75 15.82
CA CYS B 149 -1.37 3.55 14.61
C CYS B 149 -1.70 2.21 13.93
N PRO B 150 -2.82 2.15 13.18
CA PRO B 150 -3.87 3.16 13.10
C PRO B 150 -4.87 2.98 14.25
N PRO B 151 -5.85 3.89 14.37
CA PRO B 151 -6.95 3.63 15.30
C PRO B 151 -7.80 2.46 14.82
N ILE B 152 -8.58 1.87 15.72
CA ILE B 152 -9.53 0.81 15.40
C ILE B 152 -10.56 1.35 14.40
N ALA B 153 -10.93 0.50 13.44
CA ALA B 153 -11.84 0.91 12.36
C ALA B 153 -13.15 1.51 12.92
N GLU B 154 -13.78 0.79 13.85
CA GLU B 154 -15.05 1.23 14.46
C GLU B 154 -14.92 2.48 15.35
N VAL B 155 -13.73 2.74 15.88
CA VAL B 155 -13.47 4.00 16.57
C VAL B 155 -13.51 5.16 15.58
N MET B 156 -12.86 5.00 14.43
CA MET B 156 -12.84 6.04 13.40
C MET B 156 -14.24 6.34 12.90
N THR B 157 -14.98 5.30 12.48
CA THR B 157 -16.34 5.49 11.97
C THR B 157 -17.29 5.87 13.11
N GLY B 158 -16.97 5.46 14.33
CA GLY B 158 -17.76 5.84 15.51
C GLY B 158 -17.70 7.33 15.81
N VAL B 159 -16.53 7.92 15.61
CA VAL B 159 -16.37 9.37 15.71
C VAL B 159 -17.22 10.06 14.65
N ILE B 160 -17.10 9.62 13.40
CA ILE B 160 -17.93 10.19 12.32
C ILE B 160 -19.42 10.08 12.62
N THR B 161 -19.86 8.90 13.04
CA THR B 161 -21.26 8.65 13.33
C THR B 161 -21.78 9.58 14.42
N TYR B 162 -21.01 9.74 15.49
CA TYR B 162 -21.42 10.66 16.56
C TYR B 162 -21.56 12.09 16.04
N MET B 163 -20.53 12.55 15.34
CA MET B 163 -20.52 13.91 14.78
C MET B 163 -21.72 14.18 13.83
N LEU B 164 -22.05 13.22 12.98
CA LEU B 164 -23.17 13.39 12.04
C LEU B 164 -24.53 13.35 12.74
N THR B 165 -24.66 12.47 13.72
CA THR B 165 -25.93 12.33 14.44
C THR B 165 -26.22 13.59 15.25
N PHE B 166 -25.23 14.08 15.97
CA PHE B 166 -25.46 15.15 16.95
C PHE B 166 -25.04 16.53 16.49
N ASP B 167 -24.23 16.59 15.43
CA ASP B 167 -23.66 17.86 14.94
C ASP B 167 -22.87 18.53 16.06
N ARG B 168 -22.15 17.71 16.82
CA ARG B 168 -21.32 18.14 17.92
C ARG B 168 -20.08 17.26 17.97
N ILE B 169 -19.00 17.78 18.55
N ILE B 169 -19.00 17.77 18.54
CA ILE B 169 -17.79 17.02 18.80
CA ILE B 169 -17.80 16.99 18.79
C ILE B 169 -18.03 16.23 20.09
C ILE B 169 -18.03 16.22 20.09
N PRO B 170 -17.71 14.91 20.12
CA PRO B 170 -17.93 14.17 21.37
C PRO B 170 -17.09 14.72 22.54
N GLU B 171 -17.49 14.38 23.77
CA GLU B 171 -16.78 14.87 24.95
C GLU B 171 -15.31 14.39 24.89
N LEU B 172 -14.38 15.33 25.07
CA LEU B 172 -12.95 15.01 25.00
C LEU B 172 -12.26 15.01 26.35
N ASP B 173 -11.21 14.19 26.49
CA ASP B 173 -10.37 14.21 27.68
C ASP B 173 -9.38 15.38 27.55
N ARG B 174 -8.46 15.54 28.49
CA ARG B 174 -7.54 16.70 28.49
C ARG B 174 -6.57 16.70 27.30
N GLN B 175 -6.32 15.52 26.74
CA GLN B 175 -5.48 15.39 25.55
C GLN B 175 -6.25 15.51 24.23
N GLY B 176 -7.54 15.80 24.30
CA GLY B 176 -8.34 16.00 23.09
C GLY B 176 -8.90 14.74 22.45
N ARG B 177 -8.87 13.63 23.19
CA ARG B 177 -9.36 12.34 22.71
C ARG B 177 -10.81 12.10 23.14
N PRO B 178 -11.62 11.48 22.28
CA PRO B 178 -13.02 11.19 22.67
C PRO B 178 -13.13 10.20 23.83
N LYS B 179 -13.74 10.64 24.92
CA LYS B 179 -13.88 9.80 26.12
C LYS B 179 -14.63 8.50 25.82
N MET B 180 -15.53 8.55 24.84
CA MET B 180 -16.33 7.36 24.47
C MET B 180 -15.49 6.20 23.95
N PHE B 181 -14.27 6.48 23.50
CA PHE B 181 -13.35 5.44 23.00
C PHE B 181 -12.01 5.31 23.74
N TYR B 182 -11.57 6.39 24.42
CA TYR B 182 -10.24 6.43 25.04
C TYR B 182 -10.21 6.63 26.57
N SER B 183 -11.31 6.33 27.25
N SER B 183 -11.32 6.33 27.25
CA SER B 183 -11.37 6.48 28.71
CA SER B 183 -11.40 6.48 28.71
C SER B 183 -10.72 5.34 29.48
C SER B 183 -10.70 5.35 29.47
N GLN B 184 -10.57 4.18 28.83
CA GLN B 184 -10.00 2.99 29.48
C GLN B 184 -8.59 2.70 29.01
N ARG B 185 -7.76 2.24 29.95
CA ARG B 185 -6.45 1.69 29.60
C ARG B 185 -6.66 0.25 29.14
N ILE B 186 -5.84 -0.19 28.20
CA ILE B 186 -5.89 -1.57 27.67
C ILE B 186 -5.91 -2.59 28.84
N HIS B 187 -5.05 -2.32 29.81
CA HIS B 187 -4.86 -3.14 31.02
C HIS B 187 -6.10 -3.30 31.90
N ASP B 188 -7.02 -2.35 31.84
CA ASP B 188 -8.24 -2.38 32.67
C ASP B 188 -9.08 -3.64 32.42
N LYS B 189 -9.40 -3.90 31.15
N LYS B 189 -9.39 -3.89 31.14
CA LYS B 189 -10.26 -5.01 30.75
CA LYS B 189 -10.26 -5.00 30.73
C LYS B 189 -9.54 -6.11 29.94
C LYS B 189 -9.54 -6.09 29.93
N CYS B 190 -8.21 -6.05 29.86
CA CYS B 190 -7.43 -7.09 29.16
C CYS B 190 -7.76 -8.48 29.72
N TYR B 191 -8.08 -9.44 28.83
CA TYR B 191 -8.44 -10.79 29.26
C TYR B 191 -7.29 -11.52 29.97
N ARG B 192 -6.05 -11.03 29.80
CA ARG B 192 -4.90 -11.61 30.50
C ARG B 192 -4.69 -11.01 31.90
N ARG B 193 -5.54 -10.05 32.30
CA ARG B 193 -5.41 -9.38 33.61
C ARG B 193 -5.39 -10.34 34.81
N PRO B 194 -6.24 -11.40 34.80
CA PRO B 194 -6.14 -12.39 35.88
C PRO B 194 -4.74 -13.00 36.04
N HIS B 195 -4.06 -13.27 34.93
CA HIS B 195 -2.67 -13.75 34.98
C HIS B 195 -1.73 -12.69 35.60
N PHE B 196 -1.87 -11.43 35.16
CA PHE B 196 -1.11 -10.33 35.73
C PHE B 196 -1.28 -10.28 37.25
N ASP B 197 -2.54 -10.31 37.69
CA ASP B 197 -2.88 -10.26 39.11
C ASP B 197 -2.33 -11.45 39.93
N ALA B 198 -2.15 -12.59 39.26
CA ALA B 198 -1.61 -13.81 39.87
C ALA B 198 -0.10 -13.94 39.68
N GLY B 199 0.54 -12.91 39.11
CA GLY B 199 1.97 -12.94 38.85
C GLY B 199 2.41 -13.96 37.81
N GLN B 200 1.51 -14.28 36.88
CA GLN B 200 1.74 -15.28 35.85
C GLN B 200 2.13 -14.60 34.53
N PHE B 201 3.43 -14.65 34.20
CA PHE B 201 4.00 -13.92 33.08
C PHE B 201 4.78 -14.79 32.09
N VAL B 202 4.74 -14.39 30.82
CA VAL B 202 5.65 -14.91 29.80
C VAL B 202 7.04 -14.31 30.08
N GLU B 203 8.09 -15.15 30.00
CA GLU B 203 9.47 -14.68 30.19
C GLU B 203 10.29 -14.73 28.90
N GLU B 204 10.00 -15.70 28.06
CA GLU B 204 10.61 -15.84 26.73
C GLU B 204 9.52 -16.18 25.73
N TRP B 205 9.70 -15.75 24.47
CA TRP B 205 8.70 -16.09 23.46
C TRP B 205 8.54 -17.60 23.35
N ASP B 206 7.29 -18.01 23.22
CA ASP B 206 6.92 -19.40 23.04
C ASP B 206 7.35 -20.34 24.17
N ASP B 207 7.46 -19.80 25.39
CA ASP B 207 7.68 -20.63 26.56
C ASP B 207 6.34 -21.25 26.95
N GLU B 208 6.33 -22.10 27.97
CA GLU B 208 5.08 -22.75 28.38
CA GLU B 208 5.09 -22.75 28.38
C GLU B 208 4.03 -21.71 28.77
N SER B 209 4.48 -20.63 29.40
CA SER B 209 3.62 -19.54 29.82
C SER B 209 2.95 -18.84 28.65
N ALA B 210 3.71 -18.59 27.58
CA ALA B 210 3.16 -17.99 26.37
C ALA B 210 2.08 -18.89 25.75
N ARG B 211 2.32 -20.20 25.79
CA ARG B 211 1.35 -21.18 25.27
C ARG B 211 0.07 -21.27 26.11
N LYS B 212 0.12 -20.84 27.36
N LYS B 212 0.13 -20.85 27.36
CA LYS B 212 -1.07 -20.76 28.21
CA LYS B 212 -1.04 -20.76 28.24
C LYS B 212 -1.66 -19.34 28.28
C LYS B 212 -1.66 -19.34 28.26
N GLY B 213 -1.17 -18.44 27.42
CA GLY B 213 -1.69 -17.05 27.37
C GLY B 213 -1.43 -16.19 28.58
N PHE B 214 -0.30 -16.40 29.26
CA PHE B 214 0.06 -15.61 30.44
C PHE B 214 0.31 -14.15 30.04
N CYS B 215 0.28 -13.26 31.03
CA CYS B 215 0.43 -11.82 30.81
C CYS B 215 1.79 -11.47 30.17
N LEU B 216 1.78 -10.46 29.31
CA LEU B 216 2.93 -10.07 28.49
C LEU B 216 3.71 -8.87 29.04
N TYR B 217 3.42 -8.48 30.29
CA TYR B 217 4.10 -7.34 30.95
C TYR B 217 5.62 -7.45 30.87
N LYS B 218 6.17 -8.63 31.15
CA LYS B 218 7.64 -8.80 31.17
C LYS B 218 8.25 -8.89 29.77
N MET B 219 7.37 -9.00 28.76
CA MET B 219 7.79 -8.95 27.36
C MET B 219 7.60 -7.54 26.78
N GLY B 220 7.26 -6.58 27.63
CA GLY B 220 7.24 -5.17 27.24
C GLY B 220 5.86 -4.56 27.05
N CYS B 221 4.80 -5.30 27.37
CA CYS B 221 3.44 -4.82 27.14
C CYS B 221 3.20 -3.46 27.80
N LYS B 222 2.73 -2.50 26.99
CA LYS B 222 2.49 -1.14 27.47
C LYS B 222 1.01 -0.88 27.74
N GLY B 223 0.22 -1.94 27.77
CA GLY B 223 -1.19 -1.83 28.11
C GLY B 223 -1.51 -1.04 29.38
N PRO B 224 -0.67 -1.18 30.43
CA PRO B 224 -0.94 -0.42 31.67
C PRO B 224 -0.88 1.10 31.57
N THR B 225 -0.22 1.63 30.54
CA THR B 225 -0.10 3.08 30.35
C THR B 225 -0.69 3.57 29.02
N THR B 226 -1.50 2.73 28.36
CA THR B 226 -2.04 3.05 27.03
C THR B 226 -3.57 3.04 27.01
N TYR B 227 -4.14 4.17 26.58
CA TYR B 227 -5.58 4.36 26.52
C TYR B 227 -6.08 4.10 25.09
N ASN B 228 -6.94 3.10 24.96
CA ASN B 228 -7.55 2.69 23.69
C ASN B 228 -8.65 1.68 24.00
N ALA B 229 -9.39 1.29 22.97
CA ALA B 229 -10.52 0.36 23.12
C ALA B 229 -10.17 -1.07 22.68
N CYS B 230 -8.88 -1.36 22.55
CA CYS B 230 -8.44 -2.65 21.99
C CYS B 230 -8.84 -3.91 22.78
N SER B 231 -8.91 -3.84 24.11
CA SER B 231 -9.25 -5.00 24.94
CA SER B 231 -9.24 -5.02 24.91
C SER B 231 -10.73 -5.36 24.89
N THR B 232 -11.57 -4.38 24.58
CA THR B 232 -13.02 -4.59 24.57
C THR B 232 -13.58 -4.61 23.15
N THR B 233 -13.49 -3.49 22.45
CA THR B 233 -13.93 -3.42 21.06
C THR B 233 -13.10 -4.36 20.16
N ARG B 234 -11.80 -4.41 20.39
CA ARG B 234 -10.87 -5.28 19.65
C ARG B 234 -10.83 -4.87 18.17
N TRP B 235 -10.19 -5.68 17.33
CA TRP B 235 -9.83 -5.30 15.97
C TRP B 235 -10.51 -6.15 14.92
N ASN B 236 -10.84 -5.51 13.80
CA ASN B 236 -11.37 -6.21 12.63
C ASN B 236 -12.62 -7.00 12.97
N GLU B 237 -13.62 -6.26 13.42
CA GLU B 237 -14.89 -6.82 13.90
C GLU B 237 -14.68 -7.80 15.07
N GLY B 238 -13.89 -7.37 16.05
CA GLY B 238 -13.67 -8.14 17.29
C GLY B 238 -12.96 -9.48 17.14
N THR B 239 -12.14 -9.61 16.10
CA THR B 239 -11.48 -10.89 15.79
C THR B 239 -10.35 -11.17 16.78
N SER B 240 -9.53 -10.17 17.06
CA SER B 240 -8.44 -10.27 18.01
C SER B 240 -7.96 -8.86 18.37
N PHE B 241 -6.90 -8.80 19.15
CA PHE B 241 -6.13 -7.57 19.36
C PHE B 241 -4.69 -8.00 19.64
N PRO B 242 -3.74 -7.06 19.61
CA PRO B 242 -2.34 -7.46 19.74
C PRO B 242 -2.03 -8.47 20.84
N ILE B 243 -2.51 -8.22 22.04
CA ILE B 243 -2.26 -9.10 23.19
C ILE B 243 -2.87 -10.48 22.99
N GLN B 244 -4.11 -10.55 22.48
CA GLN B 244 -4.74 -11.85 22.23
C GLN B 244 -3.90 -12.68 21.26
N SER B 245 -3.38 -12.03 20.22
CA SER B 245 -2.52 -12.70 19.24
C SER B 245 -1.06 -12.91 19.71
N GLY B 246 -0.74 -12.49 20.94
CA GLY B 246 0.52 -12.86 21.59
C GLY B 246 1.64 -11.82 21.69
N HIS B 247 1.42 -10.62 21.17
CA HIS B 247 2.44 -9.56 21.25
C HIS B 247 1.93 -8.53 22.24
N GLY B 248 2.81 -8.03 23.09
CA GLY B 248 2.42 -6.96 24.00
C GLY B 248 1.97 -5.72 23.24
N CYS B 249 1.12 -4.93 23.88
CA CYS B 249 0.82 -3.61 23.39
C CYS B 249 2.14 -2.83 23.30
N ILE B 250 2.36 -2.11 22.21
CA ILE B 250 3.55 -1.27 22.05
C ILE B 250 3.26 0.20 22.39
N GLY B 251 2.03 0.49 22.84
CA GLY B 251 1.64 1.83 23.26
C GLY B 251 1.26 2.76 22.12
N CYS B 252 0.75 2.21 21.01
CA CYS B 252 0.68 2.95 19.75
C CYS B 252 -0.32 4.13 19.71
N SER B 253 -1.18 4.24 20.71
CA SER B 253 -2.12 5.36 20.81
C SER B 253 -1.62 6.50 21.70
N GLU B 254 -0.45 6.31 22.31
CA GLU B 254 0.09 7.31 23.22
C GLU B 254 1.14 8.20 22.57
N ASP B 255 1.07 9.48 22.90
CA ASP B 255 1.99 10.51 22.45
C ASP B 255 3.45 10.11 22.66
N GLY B 256 4.22 10.06 21.57
CA GLY B 256 5.65 9.78 21.63
C GLY B 256 6.08 8.35 21.94
N PHE B 257 5.20 7.39 21.66
CA PHE B 257 5.47 5.99 22.00
C PHE B 257 6.72 5.38 21.37
N TRP B 258 7.14 5.91 20.22
CA TRP B 258 8.35 5.43 19.54
C TRP B 258 9.63 5.74 20.30
N ASP B 259 9.60 6.75 21.17
CA ASP B 259 10.77 7.20 21.91
C ASP B 259 10.70 6.96 23.42
N LYS B 260 9.91 5.98 23.82
CA LYS B 260 9.83 5.58 25.24
C LYS B 260 10.60 4.28 25.50
N GLY B 261 11.66 4.04 24.73
CA GLY B 261 12.50 2.85 24.87
C GLY B 261 12.02 1.70 23.98
N SER B 262 12.74 0.59 24.03
CA SER B 262 12.38 -0.59 23.26
C SER B 262 11.00 -1.05 23.61
N PHE B 263 10.28 -1.55 22.62
CA PHE B 263 8.97 -2.14 22.84
C PHE B 263 9.02 -3.36 23.75
N TYR B 264 10.17 -4.01 23.84
CA TYR B 264 10.35 -5.22 24.63
C TYR B 264 10.88 -4.94 26.03
N ASP B 265 11.17 -3.67 26.33
CA ASP B 265 11.55 -3.25 27.67
C ASP B 265 10.33 -3.03 28.53
N ARG B 266 10.30 -3.70 29.66
CA ARG B 266 9.13 -3.68 30.54
C ARG B 266 8.98 -2.33 31.22
N LEU B 267 7.75 -2.01 31.60
CA LEU B 267 7.48 -0.84 32.44
C LEU B 267 8.08 -1.14 33.81
N THR B 268 8.47 -0.09 34.53
CA THR B 268 9.05 -0.24 35.88
C THR B 268 8.03 0.14 36.94
#